data_6NCY
#
_entry.id   6NCY
#
_cell.length_a   192.562
_cell.length_b   192.562
_cell.length_c   192.562
_cell.angle_alpha   90.00
_cell.angle_beta   90.00
_cell.angle_gamma   90.00
#
_symmetry.space_group_name_H-M   'P 21 3'
#
loop_
_entity.id
_entity.type
_entity.pdbx_description
1 polymer Beta-glucuronidase
2 non-polymer 'NICKEL (II) ION'
3 non-polymer GLYCEROL
4 non-polymer 'PHOSPHATE ION'
5 water water
#
_entity_poly.entity_id   1
_entity_poly.type   'polypeptide(L)'
_entity_poly.pdbx_seq_one_letter_code
;MEAKKEKKYMSDIHLEDYTEQYETGFATVDTMIFEGGRREELLNGGWHYAVDQYDTCLRQKWYKERYRDEKGFTVPIDYS
FDEWPVMQLPCSWNTIDPMYLLYEGSMVFTRKFSYIAEREETVFLKVGAANYLCRVFLNGKYVGMHRGGSTPAFWNITEY
LKAENRIVLAVDGTRRPEQVPTENTDWFNYCGVYRDIALIRVPKCHIKTFKIALVPDGTFGHVMAKVTLSEKITAKAELV
IEELGVSRKIQLENGAGEVVFDAKPELWTPEKPKLYDVKVTCGTDTVSDRVGFREIRVNGRDILLNGEPVFLRGISCHED
SVENGKGLTREERIENIRIAKELGCNFMRLAHYPHNEEMAKLADELGLLLWEEIPVYWAIRFEREKTYEDAQNQLRELIN
RDWNRASVIIWSVGNENADTDERLKFMSVLAECAHREDETRMVSAACLVNAAKNKIEDRLMEYLDIIGINEYCGWYTPDF
AMLPALMENSQPDKPVIVTEFGADALPHHHGTISDKGTEECQADVYEKQIATLRNIDYIKGMTPWILYDFRCPRRTSLIQ
KYYNRKGLLSEDKKYRKPAFYVLQKFYEELKRKEQENLYFQSGSHHHHHH
;
_entity_poly.pdbx_strand_id   A,B
#
loop_
_chem_comp.id
_chem_comp.type
_chem_comp.name
_chem_comp.formula
GOL non-polymer GLYCEROL 'C3 H8 O3'
NI non-polymer 'NICKEL (II) ION' 'Ni 2'
PO4 non-polymer 'PHOSPHATE ION' 'O4 P -3'
#
# COMPACT_ATOMS: atom_id res chain seq x y z
N MET A 10 14.12 18.05 13.00
CA MET A 10 13.42 17.75 11.75
C MET A 10 13.20 16.23 11.62
N SER A 11 13.06 15.57 12.77
CA SER A 11 13.02 14.11 12.80
C SER A 11 11.82 13.57 12.03
N ASP A 12 10.65 14.21 12.17
CA ASP A 12 9.44 13.67 11.54
C ASP A 12 9.54 13.67 10.02
N ILE A 13 10.43 14.47 9.41
CA ILE A 13 10.55 14.47 7.96
C ILE A 13 11.86 13.85 7.46
N HIS A 14 12.90 13.75 8.29
CA HIS A 14 14.20 13.26 7.81
C HIS A 14 14.61 11.89 8.35
N LEU A 15 13.89 11.34 9.33
CA LEU A 15 14.21 10.02 9.85
C LEU A 15 13.70 8.96 8.88
N GLU A 16 14.63 8.19 8.30
CA GLU A 16 14.22 7.12 7.38
C GLU A 16 13.53 5.98 8.14
N ASP A 17 14.18 5.48 9.20
CA ASP A 17 13.68 4.32 9.93
C ASP A 17 12.92 4.78 11.17
N TYR A 18 11.74 5.36 10.94
CA TYR A 18 10.94 5.88 12.05
C TYR A 18 10.25 4.77 12.84
N THR A 19 10.21 3.54 12.32
CA THR A 19 9.53 2.46 13.04
C THR A 19 10.41 1.70 14.02
N GLU A 20 11.74 1.80 13.90
CA GLU A 20 12.61 1.00 14.76
C GLU A 20 12.37 1.32 16.23
N GLN A 21 12.12 2.60 16.56
CA GLN A 21 11.88 2.98 17.95
C GLN A 21 10.66 2.28 18.56
N TYR A 22 9.74 1.77 17.75
CA TYR A 22 8.56 1.12 18.32
C TYR A 22 8.72 -0.40 18.44
N GLU A 23 9.87 -0.94 18.05
CA GLU A 23 10.10 -2.39 18.12
C GLU A 23 10.44 -2.80 19.56
N THR A 24 9.46 -2.65 20.44
CA THR A 24 9.65 -2.94 21.85
C THR A 24 8.29 -3.09 22.50
N GLY A 25 8.28 -3.59 23.73
CA GLY A 25 7.03 -3.83 24.44
C GLY A 25 6.10 -4.78 23.72
N PHE A 26 6.63 -5.88 23.19
CA PHE A 26 5.81 -6.76 22.36
C PHE A 26 4.76 -7.50 23.17
N ALA A 27 3.58 -7.63 22.58
CA ALA A 27 2.62 -8.64 23.01
C ALA A 27 2.95 -9.93 22.27
N THR A 28 3.13 -11.01 23.02
CA THR A 28 3.51 -12.30 22.46
C THR A 28 2.75 -13.38 23.23
N VAL A 29 2.95 -14.64 22.83
CA VAL A 29 2.37 -15.74 23.60
C VAL A 29 2.75 -15.65 25.07
N ASP A 30 3.96 -15.14 25.36
CA ASP A 30 4.43 -15.07 26.75
C ASP A 30 3.73 -13.99 27.58
N THR A 31 3.02 -13.05 26.96
CA THR A 31 2.29 -12.05 27.75
C THR A 31 0.80 -12.34 27.81
N MET A 32 0.30 -13.35 27.10
CA MET A 32 -1.10 -13.73 27.22
C MET A 32 -1.44 -14.14 28.64
N ILE A 33 -2.70 -13.91 29.04
CA ILE A 33 -3.22 -14.48 30.27
C ILE A 33 -4.48 -15.26 29.92
N PHE A 34 -4.77 -16.27 30.75
CA PHE A 34 -5.98 -17.07 30.57
C PHE A 34 -7.21 -16.22 30.92
N GLU A 35 -8.24 -16.28 30.07
CA GLU A 35 -9.41 -15.41 30.21
C GLU A 35 -10.66 -16.10 30.73
N GLY A 36 -10.72 -17.43 30.72
CA GLY A 36 -11.94 -18.10 31.11
C GLY A 36 -12.41 -17.71 32.49
N GLY A 37 -13.69 -17.38 32.62
CA GLY A 37 -14.28 -16.97 33.88
C GLY A 37 -13.84 -15.63 34.41
N ARG A 38 -13.13 -14.82 33.62
CA ARG A 38 -12.68 -13.51 34.08
C ARG A 38 -13.66 -12.45 33.60
N ARG A 39 -14.10 -11.59 34.54
CA ARG A 39 -14.87 -10.42 34.17
C ARG A 39 -14.01 -9.43 33.40
N GLU A 40 -14.57 -8.88 32.33
CA GLU A 40 -13.85 -7.89 31.53
C GLU A 40 -14.74 -6.68 31.28
N GLU A 41 -14.10 -5.53 31.14
CA GLU A 41 -14.73 -4.29 30.72
C GLU A 41 -14.21 -4.00 29.31
N LEU A 42 -15.12 -3.88 28.34
CA LEU A 42 -14.64 -3.68 26.98
C LEU A 42 -14.40 -2.21 26.70
N LEU A 43 -13.52 -1.94 25.73
CA LEU A 43 -13.39 -0.61 25.16
C LEU A 43 -13.99 -0.54 23.76
N ASN A 44 -14.79 -1.54 23.37
CA ASN A 44 -15.61 -1.45 22.17
C ASN A 44 -16.46 -0.17 22.24
N GLY A 45 -16.73 0.41 21.09
CA GLY A 45 -17.54 1.61 21.05
C GLY A 45 -17.03 2.56 20.00
N GLY A 46 -17.52 3.80 20.04
CA GLY A 46 -17.08 4.78 19.06
C GLY A 46 -15.69 5.30 19.37
N TRP A 47 -14.74 5.17 18.44
CA TRP A 47 -13.43 5.78 18.62
C TRP A 47 -13.27 6.89 17.59
N HIS A 48 -12.75 8.03 18.03
CA HIS A 48 -12.37 9.08 17.10
C HIS A 48 -11.19 8.59 16.25
N TYR A 49 -11.20 8.91 14.94
CA TYR A 49 -10.19 8.28 14.09
C TYR A 49 -9.72 9.21 12.98
N ALA A 50 -8.53 8.91 12.45
CA ALA A 50 -8.07 9.49 11.19
C ALA A 50 -7.50 8.39 10.29
N VAL A 51 -7.69 8.59 8.97
CA VAL A 51 -6.89 7.90 7.97
C VAL A 51 -5.48 8.48 7.98
N ASP A 52 -4.48 7.64 8.20
CA ASP A 52 -3.11 8.12 8.37
C ASP A 52 -2.23 7.50 7.31
N GLN A 53 -2.39 7.95 6.06
CA GLN A 53 -1.83 7.23 4.92
C GLN A 53 -0.30 7.18 4.96
N TYR A 54 0.35 8.22 5.48
CA TYR A 54 1.81 8.28 5.47
C TYR A 54 2.42 7.97 6.83
N ASP A 55 1.65 7.44 7.76
CA ASP A 55 2.14 7.09 9.10
C ASP A 55 2.62 8.34 9.86
N THR A 56 1.95 9.47 9.60
CA THR A 56 2.33 10.74 10.21
C THR A 56 2.25 10.70 11.73
N CYS A 57 1.28 9.97 12.29
CA CYS A 57 1.17 9.88 13.75
C CYS A 57 2.44 9.31 14.36
N LEU A 58 3.02 8.28 13.74
CA LEU A 58 4.21 7.64 14.27
C LEU A 58 5.47 8.47 14.04
N ARG A 59 5.47 9.34 13.03
CA ARG A 59 6.62 10.21 12.79
C ARG A 59 6.55 11.47 13.64
N GLN A 60 5.37 12.09 13.73
CA GLN A 60 5.18 13.32 14.49
C GLN A 60 4.82 13.09 15.95
N LYS A 61 4.39 11.88 16.31
CA LYS A 61 4.08 11.51 17.69
C LYS A 61 2.89 12.33 18.22
N TRP A 62 1.77 12.24 17.50
CA TRP A 62 0.56 12.94 17.89
C TRP A 62 0.14 12.61 19.31
N TYR A 63 0.42 11.37 19.76
CA TYR A 63 -0.03 10.94 21.07
C TYR A 63 0.62 11.71 22.20
N LYS A 64 1.72 12.42 21.95
CA LYS A 64 2.28 13.27 23.00
C LYS A 64 1.46 14.53 23.21
N GLU A 65 0.60 14.91 22.27
CA GLU A 65 -0.29 16.07 22.39
C GLU A 65 0.49 17.33 22.79
N ARG A 66 1.56 17.59 22.05
CA ARG A 66 2.36 18.79 22.26
C ARG A 66 1.68 19.95 21.53
N TYR A 67 0.92 20.76 22.27
CA TYR A 67 0.13 21.83 21.69
C TYR A 67 0.80 23.20 21.76
N ARG A 68 1.77 23.37 22.66
CA ARG A 68 2.48 24.63 22.83
C ARG A 68 3.98 24.35 22.91
N ASP A 69 4.78 25.34 22.51
CA ASP A 69 6.23 25.20 22.65
C ASP A 69 6.67 25.69 24.03
N GLU A 70 7.98 25.71 24.26
CA GLU A 70 8.52 26.00 25.60
C GLU A 70 8.24 27.44 26.01
N LYS A 71 8.06 28.34 25.06
CA LYS A 71 7.77 29.74 25.35
C LYS A 71 6.28 30.03 25.39
N GLY A 72 5.43 29.00 25.35
CA GLY A 72 4.00 29.23 25.43
C GLY A 72 3.30 29.55 24.13
N PHE A 73 4.02 29.59 23.00
CA PHE A 73 3.33 29.76 21.72
C PHE A 73 2.60 28.47 21.33
N THR A 74 1.40 28.61 20.75
CA THR A 74 0.80 27.46 20.11
C THR A 74 1.55 27.12 18.83
N VAL A 75 1.64 25.83 18.53
CA VAL A 75 2.27 25.35 17.31
C VAL A 75 1.18 24.74 16.42
N PRO A 76 1.31 24.83 15.10
CA PRO A 76 0.33 24.18 14.22
C PRO A 76 0.33 22.68 14.44
N ILE A 77 -0.85 22.05 14.37
CA ILE A 77 -0.95 20.60 14.48
C ILE A 77 -1.81 20.02 13.35
N ASP A 78 -1.60 18.74 13.08
CA ASP A 78 -2.20 18.04 11.95
C ASP A 78 -3.23 17.00 12.39
N TYR A 79 -3.80 17.17 13.59
CA TYR A 79 -4.77 16.25 14.15
C TYR A 79 -5.66 17.02 15.10
N SER A 80 -6.82 16.45 15.43
CA SER A 80 -7.72 17.01 16.44
C SER A 80 -8.52 15.85 17.03
N PHE A 81 -8.03 15.30 18.14
CA PHE A 81 -8.55 14.03 18.65
C PHE A 81 -10.07 14.09 18.89
N ASP A 82 -10.54 15.04 19.70
CA ASP A 82 -11.96 15.04 20.05
C ASP A 82 -12.86 15.48 18.90
N GLU A 83 -12.32 16.16 17.89
CA GLU A 83 -13.14 16.66 16.79
C GLU A 83 -13.00 15.81 15.53
N TRP A 84 -12.18 14.75 15.57
CA TRP A 84 -12.17 13.77 14.50
C TRP A 84 -13.53 13.07 14.42
N PRO A 85 -13.88 12.51 13.25
CA PRO A 85 -15.07 11.65 13.17
C PRO A 85 -14.87 10.38 13.98
N VAL A 86 -15.94 9.59 14.06
CA VAL A 86 -16.04 8.46 14.98
C VAL A 86 -16.30 7.19 14.18
N MET A 87 -15.61 6.10 14.55
CA MET A 87 -15.83 4.79 13.95
C MET A 87 -16.10 3.79 15.05
N GLN A 88 -17.11 2.96 14.86
CA GLN A 88 -17.45 1.94 15.85
C GLN A 88 -16.44 0.79 15.76
N LEU A 89 -15.70 0.54 16.86
CA LEU A 89 -14.78 -0.57 16.98
C LEU A 89 -15.38 -1.63 17.89
N PRO A 90 -15.10 -2.92 17.68
CA PRO A 90 -14.21 -3.42 16.62
C PRO A 90 -14.91 -3.56 15.26
N CYS A 91 -14.14 -3.49 14.19
CA CYS A 91 -14.64 -3.71 12.83
C CYS A 91 -13.44 -3.90 11.91
N SER A 92 -13.69 -4.56 10.78
CA SER A 92 -12.80 -4.42 9.63
C SER A 92 -13.13 -3.09 9.00
N TRP A 93 -12.14 -2.19 8.90
CA TRP A 93 -12.52 -0.87 8.41
C TRP A 93 -12.92 -0.89 6.94
N ASN A 94 -12.55 -1.94 6.21
CA ASN A 94 -12.83 -2.01 4.77
C ASN A 94 -14.33 -2.08 4.48
N THR A 95 -15.12 -2.64 5.37
CA THR A 95 -16.56 -2.76 5.15
C THR A 95 -17.34 -1.67 5.89
N ILE A 96 -16.64 -0.72 6.52
CA ILE A 96 -17.27 0.42 7.20
C ILE A 96 -17.79 1.44 6.19
N ASP A 97 -17.04 1.68 5.13
CA ASP A 97 -17.43 2.66 4.12
C ASP A 97 -16.76 2.27 2.83
N PRO A 98 -17.40 2.51 1.68
CA PRO A 98 -16.78 2.10 0.41
C PRO A 98 -15.44 2.75 0.18
N MET A 99 -15.22 3.95 0.73
CA MET A 99 -13.93 4.62 0.59
C MET A 99 -12.80 3.82 1.21
N TYR A 100 -13.09 2.93 2.14
CA TYR A 100 -12.03 2.18 2.82
C TYR A 100 -11.91 0.74 2.34
N LEU A 101 -12.72 0.32 1.36
CA LEU A 101 -12.68 -1.08 0.94
C LEU A 101 -11.28 -1.49 0.54
N LEU A 102 -10.61 -0.65 -0.25
CA LEU A 102 -9.28 -0.95 -0.78
C LEU A 102 -8.17 -0.22 -0.01
N TYR A 103 -8.48 0.36 1.14
CA TYR A 103 -7.46 1.05 1.92
C TYR A 103 -6.73 0.06 2.81
N GLU A 104 -5.41 0.03 2.70
CA GLU A 104 -4.66 -0.91 3.54
C GLU A 104 -3.45 -0.24 4.16
N GLY A 105 -3.52 1.07 4.38
CA GLY A 105 -2.50 1.75 5.14
C GLY A 105 -2.78 1.73 6.62
N SER A 106 -2.45 2.83 7.29
CA SER A 106 -2.66 2.95 8.72
C SER A 106 -3.88 3.82 9.02
N MET A 107 -4.55 3.50 10.13
CA MET A 107 -5.53 4.39 10.74
C MET A 107 -5.18 4.55 12.22
N VAL A 108 -5.50 5.72 12.77
CA VAL A 108 -5.24 6.06 14.15
C VAL A 108 -6.58 6.22 14.86
N PHE A 109 -6.76 5.50 15.97
CA PHE A 109 -8.00 5.51 16.75
C PHE A 109 -7.73 5.99 18.15
N THR A 110 -8.62 6.81 18.71
CA THR A 110 -8.41 7.24 20.09
C THR A 110 -9.74 7.38 20.82
N ARG A 111 -9.71 7.15 22.13
CA ARG A 111 -10.84 7.45 23.01
C ARG A 111 -10.32 7.60 24.43
N LYS A 112 -11.22 7.94 25.33
CA LYS A 112 -10.88 8.11 26.74
C LYS A 112 -11.64 7.09 27.58
N PHE A 113 -11.16 6.90 28.80
CA PHE A 113 -11.89 6.07 29.76
C PHE A 113 -11.38 6.39 31.15
N SER A 114 -12.26 6.23 32.14
CA SER A 114 -11.90 6.48 33.53
C SER A 114 -11.49 5.17 34.20
N TYR A 115 -10.64 5.28 35.22
CA TYR A 115 -10.16 4.08 35.92
C TYR A 115 -10.07 4.33 37.41
N ILE A 116 -10.78 3.52 38.19
CA ILE A 116 -10.71 3.54 39.65
C ILE A 116 -10.51 2.12 40.12
N ALA A 117 -9.41 1.88 40.82
CA ALA A 117 -9.13 0.57 41.40
C ALA A 117 -9.84 0.45 42.75
N GLU A 118 -10.68 -0.55 42.90
CA GLU A 118 -11.34 -0.80 44.17
C GLU A 118 -10.50 -1.66 45.11
N ARG A 119 -9.43 -2.27 44.61
CA ARG A 119 -8.47 -3.02 45.40
C ARG A 119 -7.20 -3.06 44.58
N GLU A 120 -6.10 -3.46 45.21
CA GLU A 120 -4.84 -3.54 44.47
C GLU A 120 -4.98 -4.57 43.36
N GLU A 121 -4.56 -4.20 42.15
CA GLU A 121 -4.84 -5.05 41.01
C GLU A 121 -3.89 -4.72 39.87
N THR A 122 -3.59 -5.74 39.06
CA THR A 122 -2.92 -5.62 37.78
C THR A 122 -3.97 -5.50 36.69
N VAL A 123 -3.68 -4.70 35.67
CA VAL A 123 -4.63 -4.46 34.58
C VAL A 123 -3.95 -4.78 33.24
N PHE A 124 -4.59 -5.64 32.45
CA PHE A 124 -4.17 -5.92 31.09
C PHE A 124 -5.08 -5.25 30.09
N LEU A 125 -4.48 -4.71 29.03
CA LEU A 125 -5.17 -4.38 27.80
C LEU A 125 -5.09 -5.57 26.86
N LYS A 126 -6.24 -6.03 26.36
CA LYS A 126 -6.29 -7.05 25.32
C LYS A 126 -6.87 -6.45 24.04
N VAL A 127 -6.17 -6.63 22.93
CA VAL A 127 -6.71 -6.37 21.59
C VAL A 127 -6.97 -7.73 20.95
N GLY A 128 -8.26 -8.07 20.76
CA GLY A 128 -8.63 -9.42 20.36
C GLY A 128 -8.05 -9.84 19.02
N ALA A 129 -7.87 -8.90 18.09
CA ALA A 129 -7.13 -9.11 16.85
C ALA A 129 -7.01 -7.78 16.15
N ALA A 130 -5.87 -7.54 15.52
CA ALA A 130 -5.67 -6.34 14.72
C ALA A 130 -4.76 -6.72 13.57
N ASN A 131 -5.20 -6.48 12.34
CA ASN A 131 -4.39 -6.81 11.16
C ASN A 131 -3.82 -5.54 10.54
N TYR A 132 -2.49 -5.46 10.40
CA TYR A 132 -1.51 -6.51 10.69
C TYR A 132 -0.67 -6.16 11.94
N LEU A 133 -0.36 -4.86 12.08
CA LEU A 133 0.44 -4.31 13.16
C LEU A 133 -0.44 -3.42 14.02
N CYS A 134 -0.24 -3.46 15.35
CA CYS A 134 -1.00 -2.62 16.27
C CYS A 134 -0.04 -2.02 17.27
N ARG A 135 0.06 -0.69 17.28
CA ARG A 135 0.89 0.07 18.21
C ARG A 135 -0.01 0.78 19.22
N VAL A 136 0.32 0.64 20.50
CA VAL A 136 -0.53 1.07 21.60
C VAL A 136 0.11 2.23 22.33
N PHE A 137 -0.65 3.31 22.55
CA PHE A 137 -0.19 4.43 23.38
C PHE A 137 -1.23 4.69 24.44
N LEU A 138 -0.77 5.03 25.65
CA LEU A 138 -1.66 5.28 26.78
C LEU A 138 -1.13 6.48 27.56
N ASN A 139 -1.94 7.53 27.68
CA ASN A 139 -1.59 8.75 28.40
C ASN A 139 -0.27 9.34 27.91
N GLY A 140 -0.09 9.33 26.59
CA GLY A 140 1.08 9.94 25.98
C GLY A 140 2.33 9.09 25.97
N LYS A 141 2.28 7.85 26.47
CA LYS A 141 3.43 6.97 26.54
C LYS A 141 3.22 5.75 25.66
N TYR A 142 4.31 5.25 25.08
CA TYR A 142 4.24 4.07 24.24
C TYR A 142 4.18 2.81 25.11
N VAL A 143 3.15 1.99 24.91
CA VAL A 143 3.01 0.73 25.64
C VAL A 143 3.71 -0.40 24.90
N GLY A 144 3.50 -0.53 23.60
CA GLY A 144 4.12 -1.59 22.84
C GLY A 144 3.29 -1.91 21.61
N MET A 145 3.61 -3.05 21.00
CA MET A 145 3.00 -3.39 19.72
C MET A 145 2.78 -4.89 19.62
N HIS A 146 1.96 -5.26 18.64
CA HIS A 146 1.74 -6.65 18.29
C HIS A 146 1.91 -6.80 16.79
N ARG A 147 2.44 -7.95 16.40
CA ARG A 147 2.67 -8.32 15.01
C ARG A 147 1.95 -9.64 14.75
N GLY A 148 1.14 -9.69 13.70
CA GLY A 148 0.28 -10.87 13.45
C GLY A 148 -1.18 -10.47 13.52
N GLY A 149 -1.92 -10.79 12.45
CA GLY A 149 -3.22 -10.19 12.20
C GLY A 149 -4.44 -10.94 12.70
N SER A 150 -4.27 -12.10 13.35
CA SER A 150 -5.42 -12.91 13.70
C SER A 150 -5.37 -13.49 15.11
N THR A 151 -4.52 -12.97 15.98
CA THR A 151 -4.40 -13.52 17.32
C THR A 151 -4.52 -12.42 18.36
N PRO A 152 -4.97 -12.75 19.57
CA PRO A 152 -5.14 -11.71 20.60
C PRO A 152 -3.81 -11.29 21.21
N ALA A 153 -3.75 -10.00 21.57
CA ALA A 153 -2.55 -9.34 22.10
C ALA A 153 -2.84 -8.78 23.50
N PHE A 154 -1.91 -9.00 24.44
CA PHE A 154 -2.10 -8.59 25.83
C PHE A 154 -0.90 -7.75 26.26
N TRP A 155 -1.17 -6.60 26.88
CA TRP A 155 -0.12 -5.76 27.46
C TRP A 155 -0.51 -5.42 28.90
N ASN A 156 0.46 -5.55 29.81
CA ASN A 156 0.26 -5.11 31.19
C ASN A 156 0.34 -3.58 31.21
N ILE A 157 -0.77 -2.90 31.48
CA ILE A 157 -0.81 -1.44 31.45
C ILE A 157 -0.92 -0.84 32.85
N THR A 158 -0.79 -1.67 33.89
CA THR A 158 -0.94 -1.23 35.27
C THR A 158 -0.25 0.11 35.55
N GLU A 159 1.01 0.24 35.13
CA GLU A 159 1.84 1.38 35.48
C GLU A 159 1.57 2.61 34.61
N TYR A 160 0.68 2.51 33.62
CA TYR A 160 0.34 3.64 32.76
C TYR A 160 -0.95 4.33 33.18
N LEU A 161 -1.78 3.65 33.97
CA LEU A 161 -3.14 4.10 34.20
C LEU A 161 -3.17 5.32 35.12
N LYS A 162 -4.12 6.21 34.84
CA LYS A 162 -4.47 7.36 35.65
C LYS A 162 -5.97 7.29 35.90
N ALA A 163 -6.49 8.26 36.66
CA ALA A 163 -7.93 8.29 36.89
C ALA A 163 -8.70 8.57 35.61
N GLU A 164 -8.17 9.44 34.75
CA GLU A 164 -8.71 9.69 33.41
C GLU A 164 -7.63 9.36 32.39
N ASN A 165 -7.99 8.57 31.37
CA ASN A 165 -7.00 8.03 30.44
C ASN A 165 -7.34 8.37 29.00
N ARG A 166 -6.32 8.55 28.17
CA ARG A 166 -6.49 8.54 26.72
C ARG A 166 -5.66 7.42 26.12
N ILE A 167 -6.31 6.54 25.36
CA ILE A 167 -5.64 5.46 24.66
C ILE A 167 -5.64 5.80 23.17
N VAL A 168 -4.51 5.52 22.51
CA VAL A 168 -4.38 5.66 21.06
C VAL A 168 -3.92 4.33 20.51
N LEU A 169 -4.61 3.83 19.48
CA LEU A 169 -4.21 2.64 18.72
C LEU A 169 -3.88 3.06 17.30
N ALA A 170 -2.66 2.79 16.86
CA ALA A 170 -2.28 2.99 15.46
C ALA A 170 -2.15 1.62 14.82
N VAL A 171 -2.95 1.37 13.77
CA VAL A 171 -3.08 0.04 13.18
C VAL A 171 -2.72 0.13 11.71
N ASP A 172 -1.76 -0.69 11.28
CA ASP A 172 -1.24 -0.63 9.93
C ASP A 172 -1.68 -1.88 9.16
N GLY A 173 -2.44 -1.70 8.09
CA GLY A 173 -2.81 -2.87 7.31
C GLY A 173 -1.83 -3.28 6.23
N THR A 174 -0.67 -2.62 6.15
CA THR A 174 0.23 -2.80 5.02
C THR A 174 0.67 -4.27 4.88
N ARG A 175 0.63 -4.78 3.65
CA ARG A 175 1.15 -6.11 3.33
C ARG A 175 2.65 -6.01 3.04
N ARG A 176 3.41 -7.00 3.51
CA ARG A 176 4.88 -7.03 3.36
C ARG A 176 5.35 -8.45 3.06
N PRO A 177 6.34 -8.60 2.17
CA PRO A 177 6.78 -9.96 1.80
C PRO A 177 7.31 -10.79 2.96
N GLU A 178 7.89 -10.15 3.98
CA GLU A 178 8.50 -10.85 5.11
C GLU A 178 7.50 -11.15 6.24
N GLN A 179 6.24 -10.76 6.08
CA GLN A 179 5.24 -11.02 7.10
C GLN A 179 4.64 -12.42 6.94
N VAL A 180 3.76 -12.78 7.86
CA VAL A 180 3.09 -14.09 7.86
C VAL A 180 1.60 -13.80 7.96
N PRO A 181 0.84 -13.74 6.85
CA PRO A 181 1.22 -14.10 5.47
C PRO A 181 2.08 -13.07 4.74
N THR A 182 2.54 -13.42 3.54
CA THR A 182 3.23 -12.49 2.67
C THR A 182 2.20 -11.53 2.07
N GLU A 183 2.65 -10.70 1.12
CA GLU A 183 1.76 -9.78 0.43
C GLU A 183 0.85 -10.49 -0.59
N ASN A 184 1.13 -11.74 -0.93
CA ASN A 184 0.36 -12.46 -1.95
C ASN A 184 -0.34 -13.63 -1.27
N THR A 185 -1.68 -13.55 -1.20
CA THR A 185 -2.52 -14.62 -0.69
C THR A 185 -3.70 -14.75 -1.63
N ASP A 186 -4.54 -15.75 -1.41
CA ASP A 186 -5.79 -15.83 -2.16
C ASP A 186 -7.01 -15.43 -1.31
N TRP A 187 -6.86 -14.44 -0.42
CA TRP A 187 -8.00 -13.91 0.31
C TRP A 187 -7.84 -12.41 0.49
N PHE A 188 -8.87 -11.78 1.07
CA PHE A 188 -8.97 -10.33 1.09
C PHE A 188 -8.24 -9.76 2.30
N ASN A 189 -7.51 -8.66 2.08
CA ASN A 189 -6.75 -8.02 3.16
C ASN A 189 -7.68 -7.10 3.95
N TYR A 190 -8.43 -7.69 4.88
CA TYR A 190 -9.22 -6.91 5.85
C TYR A 190 -8.32 -6.37 6.95
N CYS A 191 -8.47 -5.07 7.26
CA CYS A 191 -7.56 -4.35 8.14
C CYS A 191 -8.31 -3.75 9.31
N GLY A 192 -7.58 -3.48 10.38
CA GLY A 192 -8.15 -2.78 11.53
C GLY A 192 -8.18 -3.65 12.78
N VAL A 193 -8.76 -3.08 13.83
CA VAL A 193 -9.00 -3.78 15.09
C VAL A 193 -10.39 -4.38 14.99
N TYR A 194 -10.48 -5.70 14.79
CA TYR A 194 -11.75 -6.29 14.40
C TYR A 194 -12.26 -7.36 15.34
N ARG A 195 -11.62 -7.56 16.49
CA ARG A 195 -12.21 -8.32 17.59
C ARG A 195 -12.11 -7.50 18.87
N ASP A 196 -12.78 -7.96 19.93
CA ASP A 196 -13.01 -7.17 21.15
C ASP A 196 -11.73 -6.56 21.70
N ILE A 197 -11.86 -5.31 22.18
CA ILE A 197 -10.81 -4.63 22.94
C ILE A 197 -11.25 -4.66 24.40
N ALA A 198 -10.37 -5.12 25.30
CA ALA A 198 -10.80 -5.35 26.67
C ALA A 198 -9.77 -4.86 27.68
N LEU A 199 -10.28 -4.46 28.83
CA LEU A 199 -9.50 -4.23 30.05
C LEU A 199 -9.80 -5.36 31.01
N ILE A 200 -8.74 -5.97 31.56
CA ILE A 200 -8.88 -7.16 32.41
C ILE A 200 -8.15 -6.90 33.73
N ARG A 201 -8.90 -6.85 34.83
CA ARG A 201 -8.34 -6.65 36.17
C ARG A 201 -8.08 -7.99 36.83
N VAL A 202 -6.86 -8.22 37.30
CA VAL A 202 -6.50 -9.50 37.92
C VAL A 202 -5.64 -9.23 39.15
N PRO A 203 -5.60 -10.18 40.08
CA PRO A 203 -4.67 -10.06 41.22
C PRO A 203 -3.23 -10.03 40.74
N LYS A 204 -2.36 -9.46 41.58
CA LYS A 204 -0.95 -9.37 41.20
C LYS A 204 -0.37 -10.76 40.92
N CYS A 205 -0.68 -11.73 41.78
CA CYS A 205 -0.33 -13.12 41.52
C CYS A 205 -1.59 -13.77 40.96
N HIS A 206 -1.59 -14.03 39.66
CA HIS A 206 -2.80 -14.54 39.02
C HIS A 206 -2.45 -15.80 38.22
N ILE A 207 -3.48 -16.59 37.94
CA ILE A 207 -3.34 -17.76 37.09
C ILE A 207 -3.09 -17.27 35.67
N LYS A 208 -1.93 -17.61 35.11
CA LYS A 208 -1.54 -17.11 33.80
C LYS A 208 -1.92 -18.08 32.67
N THR A 209 -1.74 -19.39 32.86
CA THR A 209 -2.22 -20.37 31.89
C THR A 209 -2.98 -21.45 32.65
N PHE A 210 -3.97 -22.02 31.97
CA PHE A 210 -4.72 -23.16 32.47
C PHE A 210 -5.04 -24.08 31.30
N LYS A 211 -4.52 -25.32 31.35
CA LYS A 211 -4.71 -26.31 30.29
C LYS A 211 -5.29 -27.57 30.90
N ILE A 212 -6.32 -28.14 30.26
CA ILE A 212 -6.98 -29.34 30.75
C ILE A 212 -7.38 -30.19 29.55
N ALA A 213 -7.19 -31.50 29.66
CA ALA A 213 -7.52 -32.43 28.59
C ALA A 213 -7.58 -33.85 29.12
N LEU A 214 -8.35 -34.68 28.42
CA LEU A 214 -8.30 -36.13 28.63
C LEU A 214 -6.91 -36.66 28.29
N VAL A 215 -6.34 -37.48 29.16
CA VAL A 215 -5.06 -38.13 28.87
C VAL A 215 -5.26 -39.12 27.71
N PRO A 216 -4.48 -39.05 26.66
CA PRO A 216 -4.71 -39.96 25.52
C PRO A 216 -4.03 -41.31 25.71
N ASP A 217 -4.39 -42.02 26.78
CA ASP A 217 -3.77 -43.29 27.13
C ASP A 217 -4.65 -44.50 26.83
N GLY A 218 -5.78 -44.30 26.15
CA GLY A 218 -6.67 -45.38 25.75
C GLY A 218 -7.68 -45.84 26.79
N THR A 219 -7.65 -45.29 28.02
CA THR A 219 -8.65 -45.67 29.02
C THR A 219 -9.86 -44.75 29.03
N PHE A 220 -9.72 -43.51 28.54
CA PHE A 220 -10.75 -42.48 28.62
C PHE A 220 -11.15 -42.17 30.04
N GLY A 221 -10.29 -42.48 31.01
CA GLY A 221 -10.65 -42.32 32.41
C GLY A 221 -9.69 -41.48 33.22
N HIS A 222 -8.74 -40.81 32.55
CA HIS A 222 -7.77 -39.96 33.22
C HIS A 222 -7.73 -38.57 32.58
N VAL A 223 -7.67 -37.54 33.42
CA VAL A 223 -7.67 -36.15 32.99
C VAL A 223 -6.39 -35.48 33.49
N MET A 224 -5.75 -34.70 32.62
CA MET A 224 -4.60 -33.88 32.99
C MET A 224 -5.01 -32.42 33.10
N ALA A 225 -4.36 -31.71 34.03
CA ALA A 225 -4.60 -30.28 34.21
C ALA A 225 -3.28 -29.62 34.56
N LYS A 226 -2.94 -28.53 33.85
CA LYS A 226 -1.69 -27.82 34.07
C LYS A 226 -1.97 -26.35 34.33
N VAL A 227 -1.31 -25.78 35.34
CA VAL A 227 -1.48 -24.39 35.73
C VAL A 227 -0.12 -23.71 35.81
N THR A 228 -0.02 -22.47 35.30
CA THR A 228 1.11 -21.61 35.61
C THR A 228 0.59 -20.29 36.18
N LEU A 229 1.39 -19.67 37.04
CA LEU A 229 1.07 -18.40 37.66
C LEU A 229 1.91 -17.29 37.07
N SER A 230 1.51 -16.03 37.33
CA SER A 230 2.30 -14.90 36.89
C SER A 230 3.58 -14.72 37.70
N GLU A 231 3.69 -15.37 38.85
CA GLU A 231 4.88 -15.27 39.70
C GLU A 231 5.45 -16.66 39.93
N LYS A 232 6.78 -16.73 40.02
CA LYS A 232 7.49 -18.00 40.19
C LYS A 232 7.55 -18.35 41.68
N ILE A 233 6.42 -18.79 42.21
CA ILE A 233 6.31 -19.08 43.63
C ILE A 233 5.84 -20.52 43.83
N THR A 234 5.89 -20.94 45.08
CA THR A 234 5.33 -22.20 45.55
C THR A 234 3.95 -21.94 46.08
N ALA A 235 2.96 -22.67 45.55
CA ALA A 235 1.58 -22.47 45.96
C ALA A 235 0.80 -23.72 45.58
N LYS A 236 -0.43 -23.80 46.08
CA LYS A 236 -1.38 -24.83 45.70
C LYS A 236 -2.55 -24.19 44.95
N ALA A 237 -2.98 -24.83 43.88
CA ALA A 237 -4.23 -24.51 43.21
C ALA A 237 -5.22 -25.64 43.46
N GLU A 238 -6.51 -25.33 43.39
CA GLU A 238 -7.54 -26.34 43.56
C GLU A 238 -8.46 -26.36 42.34
N LEU A 239 -8.64 -27.55 41.77
CA LEU A 239 -9.44 -27.76 40.58
C LEU A 239 -10.71 -28.52 40.95
N VAL A 240 -11.85 -28.05 40.47
CA VAL A 240 -13.15 -28.63 40.78
C VAL A 240 -13.92 -28.85 39.48
N ILE A 241 -14.45 -30.06 39.33
CA ILE A 241 -15.43 -30.39 38.29
C ILE A 241 -16.60 -31.03 39.03
N GLU A 242 -17.56 -30.22 39.46
CA GLU A 242 -18.60 -30.73 40.35
C GLU A 242 -19.42 -31.84 39.70
N GLU A 243 -19.69 -31.70 38.41
CA GLU A 243 -20.51 -32.72 37.75
C GLU A 243 -19.83 -34.08 37.72
N LEU A 244 -18.51 -34.15 37.82
CA LEU A 244 -17.83 -35.43 37.82
C LEU A 244 -17.31 -35.82 39.20
N GLY A 245 -17.72 -35.10 40.25
CA GLY A 245 -17.24 -35.39 41.59
C GLY A 245 -15.77 -35.15 41.80
N VAL A 246 -15.16 -34.25 41.03
CA VAL A 246 -13.73 -34.04 41.06
C VAL A 246 -13.40 -32.83 41.92
N SER A 247 -12.47 -33.00 42.85
CA SER A 247 -11.84 -31.90 43.54
C SER A 247 -10.40 -32.32 43.82
N ARG A 248 -9.42 -31.60 43.27
CA ARG A 248 -8.02 -32.00 43.37
C ARG A 248 -7.13 -30.79 43.57
N LYS A 249 -6.12 -30.94 44.43
CA LYS A 249 -5.07 -29.95 44.56
C LYS A 249 -4.02 -30.14 43.48
N ILE A 250 -3.40 -29.03 43.09
CA ILE A 250 -2.25 -29.02 42.19
C ILE A 250 -1.11 -28.32 42.91
N GLN A 251 0.00 -29.03 43.10
CA GLN A 251 1.17 -28.43 43.73
C GLN A 251 1.94 -27.64 42.70
N LEU A 252 2.11 -26.35 42.93
CA LEU A 252 2.87 -25.48 42.04
C LEU A 252 4.23 -25.20 42.65
N GLU A 253 5.26 -25.23 41.79
CA GLU A 253 6.62 -24.88 42.17
C GLU A 253 7.17 -23.99 41.08
N ASN A 254 7.85 -22.92 41.47
CA ASN A 254 8.32 -21.93 40.50
C ASN A 254 7.19 -21.50 39.58
N GLY A 255 5.99 -21.40 40.14
CA GLY A 255 4.85 -20.91 39.42
C GLY A 255 4.19 -21.89 38.48
N ALA A 256 4.52 -23.18 38.53
CA ALA A 256 3.98 -24.12 37.56
C ALA A 256 3.76 -25.47 38.23
N GLY A 257 2.68 -26.14 37.84
CA GLY A 257 2.45 -27.51 38.28
C GLY A 257 1.36 -28.15 37.46
N GLU A 258 1.25 -29.47 37.59
CA GLU A 258 0.22 -30.19 36.88
C GLU A 258 -0.21 -31.39 37.72
N VAL A 259 -1.31 -32.00 37.32
CA VAL A 259 -1.83 -33.17 38.02
C VAL A 259 -2.61 -34.02 37.02
N VAL A 260 -2.58 -35.33 37.23
CA VAL A 260 -3.41 -36.29 36.50
C VAL A 260 -4.31 -36.98 37.52
N PHE A 261 -5.60 -37.07 37.21
CA PHE A 261 -6.57 -37.64 38.16
C PHE A 261 -7.60 -38.48 37.42
N ASP A 262 -8.29 -39.33 38.20
CA ASP A 262 -9.35 -40.18 37.68
C ASP A 262 -10.65 -39.40 37.48
N ALA A 263 -11.34 -39.68 36.39
CA ALA A 263 -12.65 -39.10 36.15
C ALA A 263 -13.34 -39.93 35.07
N LYS A 264 -14.67 -39.91 35.06
CA LYS A 264 -15.45 -40.68 34.09
C LYS A 264 -16.34 -39.77 33.25
N PRO A 265 -15.76 -38.90 32.42
CA PRO A 265 -16.60 -38.05 31.58
C PRO A 265 -17.28 -38.83 30.45
N GLU A 266 -18.47 -38.37 30.09
CA GLU A 266 -19.01 -38.71 28.77
C GLU A 266 -18.12 -38.07 27.72
N LEU A 267 -17.71 -38.85 26.73
CA LEU A 267 -16.71 -38.40 25.76
C LEU A 267 -17.35 -37.54 24.69
N TRP A 268 -16.73 -36.40 24.40
CA TRP A 268 -17.25 -35.45 23.44
C TRP A 268 -17.17 -36.03 22.02
N THR A 269 -18.26 -35.91 21.26
CA THR A 269 -18.30 -36.14 19.83
C THR A 269 -19.14 -35.05 19.20
N PRO A 270 -19.06 -34.86 17.88
CA PRO A 270 -19.96 -33.88 17.23
C PRO A 270 -21.42 -34.22 17.42
N GLU A 271 -21.76 -35.51 17.45
CA GLU A 271 -23.15 -35.90 17.61
C GLU A 271 -23.63 -35.73 19.05
N LYS A 272 -22.73 -35.88 20.03
CA LYS A 272 -23.08 -35.73 21.44
C LYS A 272 -22.03 -34.84 22.10
N PRO A 273 -22.09 -33.53 21.89
CA PRO A 273 -21.01 -32.64 22.37
C PRO A 273 -21.11 -32.28 23.85
N LYS A 274 -20.87 -33.26 24.71
CA LYS A 274 -20.98 -33.05 26.15
C LYS A 274 -19.86 -32.14 26.67
N LEU A 275 -20.24 -31.12 27.44
CA LEU A 275 -19.29 -30.21 28.06
C LEU A 275 -19.47 -30.19 29.57
N TYR A 276 -18.40 -29.78 30.26
CA TYR A 276 -18.38 -29.74 31.72
C TYR A 276 -17.83 -28.40 32.19
N ASP A 277 -18.44 -27.85 33.25
CA ASP A 277 -17.89 -26.68 33.92
C ASP A 277 -16.75 -27.06 34.84
N VAL A 278 -15.62 -26.37 34.69
CA VAL A 278 -14.45 -26.61 35.54
C VAL A 278 -14.04 -25.27 36.14
N LYS A 279 -13.60 -25.28 37.40
CA LYS A 279 -13.18 -24.07 38.09
C LYS A 279 -11.86 -24.31 38.81
N VAL A 280 -10.95 -23.33 38.73
CA VAL A 280 -9.64 -23.39 39.37
C VAL A 280 -9.43 -22.15 40.23
N THR A 281 -9.04 -22.35 41.49
CA THR A 281 -8.68 -21.25 42.38
C THR A 281 -7.24 -21.38 42.83
N CYS A 282 -6.60 -20.24 43.06
CA CYS A 282 -5.24 -20.22 43.60
C CYS A 282 -5.05 -18.87 44.26
N GLY A 283 -4.82 -18.88 45.58
CA GLY A 283 -4.78 -17.63 46.33
C GLY A 283 -6.10 -16.89 46.23
N THR A 284 -6.04 -15.61 45.84
CA THR A 284 -7.25 -14.82 45.63
C THR A 284 -7.78 -14.87 44.20
N ASP A 285 -7.18 -15.67 43.32
CA ASP A 285 -7.57 -15.73 41.91
C ASP A 285 -8.45 -16.93 41.63
N THR A 286 -9.34 -16.77 40.66
CA THR A 286 -10.25 -17.80 40.18
C THR A 286 -10.34 -17.70 38.66
N VAL A 287 -10.30 -18.86 37.98
CA VAL A 287 -10.62 -18.96 36.57
C VAL A 287 -11.54 -20.15 36.38
N SER A 288 -12.20 -20.21 35.24
CA SER A 288 -13.07 -21.34 34.95
C SER A 288 -13.13 -21.55 33.44
N ASP A 289 -13.70 -22.69 33.05
CA ASP A 289 -13.77 -23.01 31.63
C ASP A 289 -14.95 -23.95 31.43
N ARG A 290 -15.29 -24.18 30.17
CA ARG A 290 -16.34 -25.12 29.78
C ARG A 290 -15.72 -26.05 28.74
N VAL A 291 -15.53 -27.33 29.08
CA VAL A 291 -14.63 -28.17 28.29
C VAL A 291 -15.23 -29.54 28.05
N GLY A 292 -14.91 -30.10 26.89
CA GLY A 292 -15.23 -31.47 26.58
C GLY A 292 -13.99 -32.34 26.68
N PHE A 293 -14.21 -33.64 26.79
CA PHE A 293 -13.14 -34.61 26.95
C PHE A 293 -13.23 -35.62 25.82
N ARG A 294 -12.16 -35.71 25.03
CA ARG A 294 -12.12 -36.62 23.91
C ARG A 294 -10.67 -36.98 23.64
N GLU A 295 -10.47 -38.11 22.99
CA GLU A 295 -9.14 -38.54 22.57
C GLU A 295 -9.07 -38.54 21.06
N ILE A 296 -8.04 -37.90 20.52
CA ILE A 296 -7.77 -37.95 19.09
C ILE A 296 -6.37 -38.50 18.91
N ARG A 297 -6.26 -39.58 18.12
CA ARG A 297 -5.01 -40.28 17.87
C ARG A 297 -5.00 -40.75 16.42
N VAL A 298 -3.82 -41.11 15.94
CA VAL A 298 -3.65 -41.76 14.64
C VAL A 298 -3.01 -43.12 14.87
N ASN A 299 -3.51 -44.14 14.17
CA ASN A 299 -2.94 -45.49 14.20
C ASN A 299 -2.84 -45.99 12.77
N GLY A 300 -1.63 -46.04 12.23
CA GLY A 300 -1.47 -46.42 10.84
C GLY A 300 -2.17 -45.39 9.96
N ARG A 301 -3.09 -45.85 9.14
CA ARG A 301 -3.87 -44.96 8.30
C ARG A 301 -5.19 -44.52 8.94
N ASP A 302 -5.49 -44.97 10.17
CA ASP A 302 -6.74 -44.62 10.82
C ASP A 302 -6.63 -43.34 11.65
N ILE A 303 -7.63 -42.50 11.55
CA ILE A 303 -7.83 -41.39 12.47
C ILE A 303 -8.80 -41.88 13.55
N LEU A 304 -8.38 -41.84 14.82
CA LEU A 304 -9.19 -42.40 15.90
C LEU A 304 -9.75 -41.30 16.81
N LEU A 305 -11.07 -41.24 16.92
CA LEU A 305 -11.74 -40.37 17.88
C LEU A 305 -12.33 -41.24 18.99
N ASN A 306 -11.84 -41.07 20.22
CA ASN A 306 -12.32 -41.85 21.35
C ASN A 306 -12.21 -43.35 21.04
N GLY A 307 -11.11 -43.72 20.37
CA GLY A 307 -10.82 -45.12 20.08
C GLY A 307 -11.46 -45.69 18.83
N GLU A 308 -12.25 -44.93 18.08
CA GLU A 308 -12.91 -45.47 16.92
C GLU A 308 -12.44 -44.78 15.65
N PRO A 309 -12.22 -45.51 14.56
CA PRO A 309 -11.87 -44.87 13.29
C PRO A 309 -13.01 -43.98 12.80
N VAL A 310 -12.66 -42.83 12.23
CA VAL A 310 -13.66 -41.90 11.72
C VAL A 310 -13.29 -41.52 10.30
N PHE A 311 -14.31 -41.18 9.53
CA PHE A 311 -14.11 -40.47 8.27
C PHE A 311 -14.59 -39.04 8.49
N LEU A 312 -13.74 -38.07 8.17
CA LEU A 312 -14.00 -36.65 8.41
C LEU A 312 -14.71 -36.08 7.20
N ARG A 313 -16.03 -35.93 7.31
CA ARG A 313 -16.87 -35.32 6.27
C ARG A 313 -16.80 -33.82 6.47
N GLY A 314 -15.97 -33.11 5.70
CA GLY A 314 -15.61 -31.76 6.01
C GLY A 314 -15.96 -30.75 4.93
N ILE A 315 -15.75 -29.48 5.26
CA ILE A 315 -15.78 -28.38 4.31
C ILE A 315 -14.77 -27.35 4.79
N SER A 316 -14.13 -26.65 3.86
CA SER A 316 -13.28 -25.54 4.25
C SER A 316 -14.14 -24.27 4.43
N CYS A 317 -13.61 -23.30 5.16
CA CYS A 317 -14.37 -22.09 5.45
C CYS A 317 -13.45 -20.93 5.80
N HIS A 318 -13.63 -19.77 5.14
CA HIS A 318 -12.91 -18.55 5.46
C HIS A 318 -13.69 -17.73 6.50
N GLU A 319 -12.99 -16.79 7.14
CA GLU A 319 -13.66 -15.82 8.02
C GLU A 319 -14.05 -14.60 7.18
N ASP A 320 -15.19 -14.69 6.49
CA ASP A 320 -15.60 -13.70 5.51
CA ASP A 320 -15.58 -13.63 5.58
C ASP A 320 -17.08 -13.36 5.68
N SER A 321 -17.44 -12.10 5.45
CA SER A 321 -18.80 -11.61 5.61
C SER A 321 -19.00 -10.43 4.69
N VAL A 322 -20.10 -10.42 3.93
CA VAL A 322 -20.38 -9.28 3.07
C VAL A 322 -20.41 -7.98 3.88
N GLU A 323 -21.17 -7.99 4.98
CA GLU A 323 -21.39 -6.77 5.76
C GLU A 323 -20.25 -6.46 6.72
N ASN A 324 -19.61 -7.50 7.28
CA ASN A 324 -18.69 -7.31 8.41
C ASN A 324 -17.24 -7.62 8.08
N GLY A 325 -16.94 -8.06 6.86
CA GLY A 325 -15.56 -8.34 6.52
C GLY A 325 -15.03 -9.53 7.30
N LYS A 326 -13.94 -9.33 8.04
CA LYS A 326 -13.40 -10.41 8.85
C LYS A 326 -14.00 -10.43 10.26
N GLY A 327 -14.71 -9.37 10.65
CA GLY A 327 -15.27 -9.29 11.99
C GLY A 327 -16.66 -9.91 12.07
N LEU A 328 -16.74 -11.21 11.84
CA LEU A 328 -18.01 -11.94 11.87
C LEU A 328 -18.69 -11.80 13.23
N THR A 329 -20.02 -11.83 13.20
CA THR A 329 -20.79 -11.85 14.42
C THR A 329 -20.97 -13.29 14.91
N ARG A 330 -21.42 -13.41 16.16
CA ARG A 330 -21.83 -14.69 16.71
C ARG A 330 -22.85 -15.38 15.82
N GLU A 331 -23.84 -14.62 15.34
CA GLU A 331 -24.87 -15.18 14.48
C GLU A 331 -24.29 -15.73 13.18
N GLU A 332 -23.27 -15.05 12.63
CA GLU A 332 -22.65 -15.54 11.39
C GLU A 332 -21.87 -16.82 11.64
N ARG A 333 -21.20 -16.93 12.78
CA ARG A 333 -20.50 -18.17 13.11
C ARG A 333 -21.48 -19.32 13.33
N ILE A 334 -22.58 -19.06 14.03
CA ILE A 334 -23.60 -20.09 14.22
C ILE A 334 -24.16 -20.54 12.88
N GLU A 335 -24.41 -19.58 11.99
CA GLU A 335 -24.89 -19.90 10.65
C GLU A 335 -23.92 -20.82 9.91
N ASN A 336 -22.62 -20.49 9.93
CA ASN A 336 -21.63 -21.31 9.24
C ASN A 336 -21.63 -22.74 9.77
N ILE A 337 -21.75 -22.89 11.10
CA ILE A 337 -21.78 -24.23 11.67
C ILE A 337 -23.08 -24.94 11.30
N ARG A 338 -24.21 -24.23 11.38
CA ARG A 338 -25.49 -24.86 11.06
C ARG A 338 -25.54 -25.30 9.61
N ILE A 339 -25.04 -24.47 8.69
CA ILE A 339 -25.07 -24.83 7.28
C ILE A 339 -24.13 -26.00 7.00
N ALA A 340 -22.94 -26.00 7.64
CA ALA A 340 -22.06 -27.16 7.53
C ALA A 340 -22.74 -28.44 7.98
N LYS A 341 -23.46 -28.39 9.10
CA LYS A 341 -24.13 -29.59 9.56
C LYS A 341 -25.29 -29.98 8.66
N GLU A 342 -25.99 -28.99 8.08
CA GLU A 342 -27.02 -29.29 7.09
C GLU A 342 -26.43 -29.97 5.86
N LEU A 343 -25.23 -29.56 5.46
CA LEU A 343 -24.49 -30.19 4.38
C LEU A 343 -24.07 -31.63 4.71
N GLY A 344 -24.13 -32.02 5.97
CA GLY A 344 -23.71 -33.35 6.40
C GLY A 344 -22.34 -33.43 7.04
N CYS A 345 -21.71 -32.30 7.33
CA CYS A 345 -20.33 -32.31 7.82
C CYS A 345 -20.26 -32.70 9.29
N ASN A 346 -19.17 -33.38 9.65
CA ASN A 346 -18.79 -33.49 11.05
C ASN A 346 -17.49 -32.74 11.35
N PHE A 347 -16.95 -32.00 10.37
CA PHE A 347 -15.59 -31.49 10.39
C PHE A 347 -15.53 -30.20 9.57
N MET A 348 -14.71 -29.25 10.00
CA MET A 348 -14.52 -28.04 9.22
C MET A 348 -13.06 -27.62 9.27
N ARG A 349 -12.53 -27.25 8.12
CA ARG A 349 -11.18 -26.68 8.02
C ARG A 349 -11.30 -25.16 8.05
N LEU A 350 -10.86 -24.54 9.14
CA LEU A 350 -10.89 -23.08 9.27
C LEU A 350 -9.60 -22.56 8.65
N ALA A 351 -9.72 -21.98 7.45
CA ALA A 351 -8.57 -21.50 6.69
C ALA A 351 -8.52 -19.98 6.74
N HIS A 352 -7.34 -19.38 6.57
CA HIS A 352 -6.00 -19.99 6.59
C HIS A 352 -5.24 -19.40 7.80
N TYR A 353 -5.99 -18.96 8.79
CA TYR A 353 -5.50 -18.14 9.90
C TYR A 353 -6.42 -18.43 11.07
N PRO A 354 -6.02 -18.06 12.29
CA PRO A 354 -6.93 -18.25 13.42
C PRO A 354 -8.20 -17.42 13.26
N HIS A 355 -9.35 -18.10 13.34
CA HIS A 355 -10.62 -17.39 13.40
C HIS A 355 -10.86 -16.90 14.85
N ASN A 356 -11.89 -16.07 15.01
CA ASN A 356 -12.37 -15.69 16.34
C ASN A 356 -12.45 -16.93 17.23
N GLU A 357 -11.93 -16.83 18.46
CA GLU A 357 -11.98 -17.98 19.36
C GLU A 357 -13.41 -18.43 19.64
N GLU A 358 -14.41 -17.58 19.40
CA GLU A 358 -15.78 -18.02 19.62
C GLU A 358 -16.17 -19.10 18.63
N MET A 359 -15.48 -19.21 17.49
CA MET A 359 -15.80 -20.27 16.54
C MET A 359 -15.62 -21.65 17.18
N ALA A 360 -14.45 -21.88 17.81
CA ALA A 360 -14.23 -23.18 18.43
C ALA A 360 -15.09 -23.37 19.67
N LYS A 361 -15.45 -22.29 20.38
CA LYS A 361 -16.38 -22.44 21.49
C LYS A 361 -17.75 -22.86 21.00
N LEU A 362 -18.22 -22.28 19.89
CA LEU A 362 -19.50 -22.71 19.34
C LEU A 362 -19.42 -24.12 18.78
N ALA A 363 -18.27 -24.48 18.22
CA ALA A 363 -18.09 -25.86 17.75
C ALA A 363 -18.11 -26.85 18.90
N ASP A 364 -17.50 -26.48 20.05
CA ASP A 364 -17.61 -27.29 21.27
C ASP A 364 -19.08 -27.54 21.61
N GLU A 365 -19.88 -26.49 21.51
CA GLU A 365 -21.25 -26.50 22.00
C GLU A 365 -22.20 -27.18 21.02
N LEU A 366 -22.11 -26.83 19.73
CA LEU A 366 -23.01 -27.36 18.72
C LEU A 366 -22.54 -28.67 18.12
N GLY A 367 -21.24 -28.99 18.21
CA GLY A 367 -20.76 -30.30 17.79
C GLY A 367 -20.18 -30.34 16.39
N LEU A 368 -18.92 -29.91 16.25
CA LEU A 368 -18.24 -29.92 14.96
C LEU A 368 -16.75 -30.02 15.23
N LEU A 369 -16.08 -30.95 14.56
CA LEU A 369 -14.63 -31.10 14.69
C LEU A 369 -13.92 -30.04 13.85
N LEU A 370 -12.75 -29.59 14.31
CA LEU A 370 -12.10 -28.44 13.68
C LEU A 370 -10.62 -28.67 13.41
N TRP A 371 -10.18 -28.10 12.29
CA TRP A 371 -8.78 -27.91 11.94
C TRP A 371 -8.50 -26.41 11.98
N GLU A 372 -7.48 -26.00 12.75
CA GLU A 372 -7.09 -24.60 12.83
C GLU A 372 -5.65 -24.44 12.35
N GLU A 373 -5.35 -23.27 11.78
CA GLU A 373 -4.20 -23.09 10.89
C GLU A 373 -3.61 -21.71 11.06
N ILE A 374 -2.31 -21.59 10.83
CA ILE A 374 -1.64 -20.29 10.78
C ILE A 374 -1.28 -19.96 9.34
N PRO A 375 -1.18 -18.66 8.96
CA PRO A 375 -1.07 -18.29 7.53
C PRO A 375 0.36 -18.37 6.98
N VAL A 376 1.03 -19.50 7.20
CA VAL A 376 2.30 -19.79 6.56
C VAL A 376 1.98 -20.28 5.16
N TYR A 377 1.80 -19.33 4.24
CA TYR A 377 1.02 -19.53 3.02
C TYR A 377 1.86 -19.10 1.83
N TRP A 378 2.02 -19.99 0.85
CA TRP A 378 2.77 -19.74 -0.39
C TRP A 378 4.20 -19.30 -0.05
N ALA A 379 4.66 -18.14 -0.53
CA ALA A 379 6.10 -17.86 -0.63
C ALA A 379 6.64 -17.13 0.60
N ILE A 380 6.41 -17.70 1.77
CA ILE A 380 6.96 -17.21 3.04
C ILE A 380 8.48 -17.08 2.93
N ARG A 381 9.07 -16.08 3.58
CA ARG A 381 10.52 -15.90 3.57
CA ARG A 381 10.52 -15.89 3.57
C ARG A 381 11.15 -16.85 4.58
N PHE A 382 11.24 -18.12 4.16
CA PHE A 382 11.69 -19.18 5.07
C PHE A 382 13.12 -18.99 5.54
N GLU A 383 13.94 -18.21 4.84
CA GLU A 383 15.33 -18.04 5.25
C GLU A 383 15.50 -16.97 6.33
N ARG A 384 14.46 -16.21 6.64
CA ARG A 384 14.58 -15.02 7.47
C ARG A 384 14.20 -15.35 8.92
N GLU A 385 15.16 -15.22 9.84
CA GLU A 385 14.93 -15.64 11.22
C GLU A 385 13.76 -14.88 11.86
N LYS A 386 13.65 -13.58 11.61
CA LYS A 386 12.55 -12.80 12.19
C LYS A 386 11.19 -13.20 11.63
N THR A 387 11.14 -13.66 10.38
CA THR A 387 9.91 -14.23 9.85
C THR A 387 9.56 -15.54 10.56
N TYR A 388 10.56 -16.39 10.80
CA TYR A 388 10.31 -17.57 11.63
C TYR A 388 9.79 -17.18 13.01
N GLU A 389 10.40 -16.16 13.64
CA GLU A 389 9.95 -15.75 14.97
C GLU A 389 8.50 -15.31 14.97
N ASP A 390 8.09 -14.58 13.93
CA ASP A 390 6.70 -14.15 13.76
C ASP A 390 5.77 -15.37 13.65
N ALA A 391 6.12 -16.32 12.76
CA ALA A 391 5.29 -17.51 12.55
C ALA A 391 5.17 -18.35 13.81
N GLN A 392 6.29 -18.60 14.49
CA GLN A 392 6.29 -19.40 15.72
CA GLN A 392 6.19 -19.46 15.66
C GLN A 392 5.41 -18.77 16.79
N ASN A 393 5.51 -17.44 16.93
CA ASN A 393 4.71 -16.75 17.92
C ASN A 393 3.22 -16.89 17.61
N GLN A 394 2.83 -16.68 16.35
CA GLN A 394 1.42 -16.83 15.99
C GLN A 394 0.94 -18.25 16.26
N LEU A 395 1.77 -19.25 15.94
CA LEU A 395 1.39 -20.64 16.21
C LEU A 395 1.17 -20.86 17.70
N ARG A 396 2.09 -20.37 18.53
CA ARG A 396 1.98 -20.60 19.96
C ARG A 396 0.83 -19.79 20.57
N GLU A 397 0.55 -18.60 20.03
CA GLU A 397 -0.61 -17.84 20.49
C GLU A 397 -1.89 -18.64 20.24
N LEU A 398 -2.04 -19.17 19.01
CA LEU A 398 -3.20 -19.98 18.66
C LEU A 398 -3.36 -21.17 19.61
N ILE A 399 -2.27 -21.90 19.83
CA ILE A 399 -2.36 -23.12 20.64
C ILE A 399 -2.71 -22.78 22.08
N ASN A 400 -2.07 -21.74 22.62
CA ASN A 400 -2.39 -21.31 23.97
C ASN A 400 -3.83 -20.83 24.07
N ARG A 401 -4.32 -20.13 23.04
CA ARG A 401 -5.68 -19.59 23.09
C ARG A 401 -6.71 -20.72 23.14
N ASP A 402 -6.50 -21.77 22.33
CA ASP A 402 -7.55 -22.75 22.05
C ASP A 402 -7.22 -24.13 22.63
N TRP A 403 -6.25 -24.20 23.57
CA TRP A 403 -5.81 -25.49 24.13
C TRP A 403 -6.97 -26.29 24.72
N ASN A 404 -7.96 -25.63 25.31
CA ASN A 404 -9.02 -26.35 26.01
C ASN A 404 -10.26 -26.62 25.16
N ARG A 405 -10.17 -26.48 23.84
CA ARG A 405 -11.31 -26.67 22.94
C ARG A 405 -11.32 -28.11 22.41
N ALA A 406 -12.25 -28.93 22.93
CA ALA A 406 -12.38 -30.31 22.47
C ALA A 406 -12.65 -30.38 20.97
N SER A 407 -13.36 -29.39 20.42
CA SER A 407 -13.70 -29.43 19.00
C SER A 407 -12.47 -29.42 18.11
N VAL A 408 -11.40 -28.78 18.56
CA VAL A 408 -10.20 -28.65 17.75
C VAL A 408 -9.36 -29.92 17.90
N ILE A 409 -9.14 -30.62 16.78
CA ILE A 409 -8.36 -31.85 16.79
C ILE A 409 -7.05 -31.75 16.01
N ILE A 410 -6.89 -30.76 15.13
CA ILE A 410 -5.73 -30.67 14.25
C ILE A 410 -5.20 -29.24 14.22
N TRP A 411 -3.88 -29.08 14.46
CA TRP A 411 -3.17 -27.84 14.20
C TRP A 411 -2.48 -27.96 12.86
N SER A 412 -2.64 -26.96 11.99
CA SER A 412 -1.99 -26.95 10.69
C SER A 412 -0.92 -25.87 10.65
N VAL A 413 0.30 -26.25 10.23
CA VAL A 413 1.41 -25.30 10.25
C VAL A 413 1.58 -24.56 8.92
N GLY A 414 0.74 -24.82 7.90
CA GLY A 414 0.78 -23.98 6.72
C GLY A 414 0.11 -24.63 5.52
N ASN A 415 0.30 -23.98 4.36
CA ASN A 415 -0.51 -24.31 3.18
C ASN A 415 0.25 -24.01 1.89
N GLU A 416 0.38 -25.03 1.02
CA GLU A 416 0.85 -24.91 -0.36
C GLU A 416 2.19 -24.18 -0.49
N ASN A 417 3.19 -24.72 0.20
CA ASN A 417 4.53 -24.17 0.18
C ASN A 417 5.43 -25.05 -0.67
N ALA A 418 6.48 -24.46 -1.24
CA ALA A 418 7.39 -25.18 -2.11
C ALA A 418 8.25 -26.17 -1.30
N ASP A 419 8.55 -27.32 -1.90
CA ASP A 419 9.31 -28.36 -1.18
C ASP A 419 10.82 -28.10 -1.34
N THR A 420 11.29 -27.09 -0.63
CA THR A 420 12.70 -26.70 -0.64
C THR A 420 13.32 -26.98 0.72
N ASP A 421 14.66 -26.95 0.75
CA ASP A 421 15.39 -27.19 2.00
C ASP A 421 15.06 -26.15 3.05
N GLU A 422 15.00 -24.87 2.66
CA GLU A 422 14.70 -23.83 3.62
C GLU A 422 13.29 -23.95 4.16
N ARG A 423 12.32 -24.26 3.28
CA ARG A 423 10.95 -24.49 3.73
C ARG A 423 10.89 -25.65 4.70
N LEU A 424 11.62 -26.73 4.39
CA LEU A 424 11.57 -27.92 5.23
C LEU A 424 12.08 -27.62 6.63
N LYS A 425 13.20 -26.90 6.74
CA LYS A 425 13.72 -26.57 8.05
C LYS A 425 12.73 -25.72 8.85
N PHE A 426 12.17 -24.69 8.22
CA PHE A 426 11.23 -23.78 8.86
C PHE A 426 9.98 -24.52 9.33
N MET A 427 9.33 -25.27 8.43
CA MET A 427 8.02 -25.83 8.76
C MET A 427 8.11 -27.10 9.59
N SER A 428 9.20 -27.88 9.46
CA SER A 428 9.34 -29.03 10.36
C SER A 428 9.57 -28.57 11.79
N VAL A 429 10.31 -27.47 11.98
CA VAL A 429 10.47 -26.95 13.33
C VAL A 429 9.15 -26.38 13.87
N LEU A 430 8.31 -25.80 13.01
CA LEU A 430 6.96 -25.42 13.45
C LEU A 430 6.16 -26.64 13.90
N ALA A 431 6.21 -27.73 13.11
CA ALA A 431 5.50 -28.94 13.48
C ALA A 431 6.01 -29.54 14.78
N GLU A 432 7.32 -29.49 15.00
CA GLU A 432 7.85 -29.93 16.30
C GLU A 432 7.40 -29.00 17.42
N CYS A 433 7.30 -27.69 17.13
CA CYS A 433 6.80 -26.76 18.13
C CYS A 433 5.38 -27.12 18.57
N ALA A 434 4.48 -27.32 17.60
CA ALA A 434 3.11 -27.71 17.91
C ALA A 434 3.07 -28.99 18.75
N HIS A 435 3.86 -30.01 18.35
CA HIS A 435 3.87 -31.26 19.11
C HIS A 435 4.32 -31.03 20.55
N ARG A 436 5.34 -30.19 20.73
CA ARG A 436 5.86 -29.93 22.06
C ARG A 436 4.89 -29.08 22.89
N GLU A 437 4.20 -28.14 22.25
CA GLU A 437 3.24 -27.31 22.97
C GLU A 437 1.93 -28.02 23.28
N ASP A 438 1.61 -29.12 22.59
CA ASP A 438 0.31 -29.76 22.79
C ASP A 438 0.43 -31.24 22.45
N GLU A 439 0.53 -32.07 23.50
CA GLU A 439 0.62 -33.51 23.33
C GLU A 439 -0.70 -34.17 22.95
N THR A 440 -1.82 -33.43 22.95
CA THR A 440 -3.13 -34.05 22.79
C THR A 440 -3.71 -33.99 21.39
N ARG A 441 -3.11 -33.24 20.45
CA ARG A 441 -3.73 -33.04 19.15
C ARG A 441 -2.81 -33.47 18.02
N MET A 442 -3.40 -33.70 16.84
CA MET A 442 -2.63 -34.06 15.66
C MET A 442 -2.15 -32.80 14.94
N VAL A 443 -1.02 -32.94 14.24
CA VAL A 443 -0.41 -31.84 13.49
C VAL A 443 -0.46 -32.17 12.00
N SER A 444 -0.77 -31.16 11.18
CA SER A 444 -0.86 -31.38 9.76
C SER A 444 -0.43 -30.11 9.02
N ALA A 445 -0.65 -30.10 7.72
CA ALA A 445 -0.36 -28.98 6.83
C ALA A 445 -0.98 -29.38 5.50
N ALA A 446 -1.29 -28.38 4.67
CA ALA A 446 -1.84 -28.65 3.35
C ALA A 446 -0.71 -28.56 2.33
N CYS A 447 -0.46 -29.65 1.61
CA CYS A 447 0.65 -29.73 0.68
C CYS A 447 0.15 -29.80 -0.76
N LEU A 448 0.98 -29.31 -1.67
CA LEU A 448 0.74 -29.44 -3.10
C LEU A 448 1.05 -30.86 -3.57
N VAL A 449 0.42 -31.25 -4.68
CA VAL A 449 0.81 -32.50 -5.32
C VAL A 449 2.24 -32.37 -5.86
N ASN A 450 3.04 -33.42 -5.71
CA ASN A 450 4.35 -33.48 -6.36
C ASN A 450 4.12 -33.59 -7.86
N ALA A 451 4.33 -32.49 -8.58
CA ALA A 451 3.96 -32.46 -10.00
C ALA A 451 4.88 -33.33 -10.84
N ALA A 452 6.13 -33.53 -10.43
CA ALA A 452 7.03 -34.36 -11.22
C ALA A 452 6.52 -35.80 -11.30
N LYS A 453 5.99 -36.33 -10.21
CA LYS A 453 5.55 -37.72 -10.16
C LYS A 453 4.03 -37.89 -10.21
N ASN A 454 3.27 -36.80 -10.21
CA ASN A 454 1.83 -36.83 -9.93
C ASN A 454 1.57 -37.79 -8.77
N LYS A 455 2.11 -37.41 -7.61
CA LYS A 455 2.16 -38.27 -6.43
C LYS A 455 1.95 -37.45 -5.17
N ILE A 456 1.39 -38.09 -4.15
CA ILE A 456 1.38 -37.53 -2.79
C ILE A 456 2.76 -37.79 -2.20
N GLU A 457 3.65 -36.80 -2.26
CA GLU A 457 5.03 -36.97 -1.78
C GLU A 457 5.65 -35.62 -1.55
N ASP A 458 5.98 -35.32 -0.30
CA ASP A 458 6.46 -34.02 0.12
C ASP A 458 7.29 -34.25 1.38
N ARG A 459 8.50 -33.69 1.42
CA ARG A 459 9.38 -33.98 2.55
C ARG A 459 8.82 -33.53 3.89
N LEU A 460 7.84 -32.61 3.90
CA LEU A 460 7.29 -32.17 5.19
C LEU A 460 6.38 -33.24 5.80
N MET A 461 5.80 -34.11 4.96
CA MET A 461 4.82 -35.09 5.46
C MET A 461 5.40 -36.00 6.54
N GLU A 462 6.71 -36.18 6.57
CA GLU A 462 7.32 -37.04 7.58
C GLU A 462 7.08 -36.52 9.00
N TYR A 463 6.89 -35.20 9.15
CA TYR A 463 6.75 -34.55 10.45
C TYR A 463 5.31 -34.39 10.90
N LEU A 464 4.35 -34.84 10.10
CA LEU A 464 2.94 -34.64 10.34
C LEU A 464 2.30 -35.93 10.82
N ASP A 465 1.24 -35.81 11.63
CA ASP A 465 0.46 -36.99 11.97
C ASP A 465 -0.51 -37.37 10.86
N ILE A 466 -1.04 -36.37 10.16
CA ILE A 466 -2.02 -36.54 9.11
C ILE A 466 -1.55 -35.73 7.91
N ILE A 467 -1.66 -36.32 6.73
CA ILE A 467 -1.26 -35.66 5.48
C ILE A 467 -2.45 -34.90 4.93
N GLY A 468 -2.27 -33.60 4.68
CA GLY A 468 -3.25 -32.82 3.95
C GLY A 468 -2.76 -32.62 2.53
N ILE A 469 -3.60 -32.95 1.56
CA ILE A 469 -3.25 -32.80 0.15
C ILE A 469 -4.30 -31.95 -0.52
N ASN A 470 -3.85 -30.90 -1.22
CA ASN A 470 -4.70 -30.09 -2.08
C ASN A 470 -4.58 -30.57 -3.52
N GLU A 471 -5.72 -30.79 -4.18
CA GLU A 471 -5.65 -31.14 -5.60
C GLU A 471 -6.88 -30.60 -6.31
N TYR A 472 -6.67 -30.10 -7.53
CA TYR A 472 -7.77 -29.50 -8.25
C TYR A 472 -7.95 -30.16 -9.62
N CYS A 473 -7.99 -31.49 -9.64
CA CYS A 473 -8.25 -32.19 -10.89
C CYS A 473 -9.65 -31.85 -11.40
N GLY A 474 -9.74 -31.70 -12.73
CA GLY A 474 -10.95 -31.18 -13.33
C GLY A 474 -11.07 -29.67 -13.32
N TRP A 475 -10.12 -28.98 -12.70
CA TRP A 475 -10.15 -27.53 -12.62
C TRP A 475 -8.77 -26.99 -13.05
N TYR A 476 -7.88 -26.68 -12.09
CA TYR A 476 -6.55 -26.20 -12.46
C TYR A 476 -5.72 -27.27 -13.16
N THR A 477 -5.95 -28.55 -12.82
CA THR A 477 -5.45 -29.71 -13.55
C THR A 477 -6.64 -30.24 -14.36
N PRO A 478 -6.85 -29.75 -15.58
CA PRO A 478 -8.15 -29.92 -16.24
C PRO A 478 -8.49 -31.37 -16.61
N ASP A 479 -7.49 -32.21 -16.82
CA ASP A 479 -7.73 -33.59 -17.21
C ASP A 479 -8.11 -34.42 -15.98
N PHE A 480 -9.39 -34.80 -15.87
CA PHE A 480 -9.84 -35.58 -14.72
C PHE A 480 -9.04 -36.86 -14.52
N ALA A 481 -8.50 -37.44 -15.61
CA ALA A 481 -7.78 -38.70 -15.51
C ALA A 481 -6.58 -38.59 -14.59
N MET A 482 -6.07 -37.37 -14.36
CA MET A 482 -4.96 -37.17 -13.45
C MET A 482 -5.31 -37.56 -12.01
N LEU A 483 -6.59 -37.60 -11.66
CA LEU A 483 -6.93 -37.86 -10.25
C LEU A 483 -6.80 -39.34 -9.91
N PRO A 484 -7.46 -40.26 -10.64
CA PRO A 484 -7.19 -41.70 -10.38
C PRO A 484 -5.72 -42.03 -10.50
N ALA A 485 -5.00 -41.40 -11.43
CA ALA A 485 -3.56 -41.63 -11.54
C ALA A 485 -2.86 -41.21 -10.25
N LEU A 486 -3.22 -40.05 -9.72
CA LEU A 486 -2.59 -39.54 -8.49
C LEU A 486 -2.75 -40.52 -7.35
N MET A 487 -3.96 -41.05 -7.17
CA MET A 487 -4.22 -41.96 -6.06
C MET A 487 -3.57 -43.31 -6.28
N GLU A 488 -3.45 -43.73 -7.55
CA GLU A 488 -2.73 -44.95 -7.88
C GLU A 488 -1.24 -44.84 -7.59
N ASN A 489 -0.66 -43.68 -7.93
CA ASN A 489 0.77 -43.44 -7.74
C ASN A 489 1.18 -43.37 -6.28
N SER A 490 0.24 -43.28 -5.34
CA SER A 490 0.57 -42.95 -3.96
C SER A 490 0.14 -44.08 -3.03
N GLN A 491 0.97 -44.35 -2.02
CA GLN A 491 0.64 -45.34 -1.00
C GLN A 491 1.16 -44.87 0.35
N PRO A 492 0.57 -43.79 0.89
CA PRO A 492 1.06 -43.25 2.16
C PRO A 492 0.86 -44.22 3.31
N ASP A 493 1.66 -44.04 4.36
CA ASP A 493 1.55 -44.82 5.58
C ASP A 493 0.71 -44.15 6.68
N LYS A 494 0.22 -42.95 6.46
CA LYS A 494 -0.59 -42.25 7.45
C LYS A 494 -1.88 -41.76 6.80
N PRO A 495 -2.86 -41.30 7.60
CA PRO A 495 -4.13 -40.90 6.98
C PRO A 495 -3.95 -39.67 6.10
N VAL A 496 -4.78 -39.56 5.06
CA VAL A 496 -4.78 -38.44 4.14
C VAL A 496 -6.14 -37.76 4.19
N ILE A 497 -6.14 -36.45 4.38
CA ILE A 497 -7.32 -35.60 4.19
C ILE A 497 -7.10 -34.83 2.90
N VAL A 498 -8.06 -34.91 1.97
CA VAL A 498 -7.99 -34.03 0.82
C VAL A 498 -8.49 -32.67 1.30
N THR A 499 -7.55 -31.76 1.57
CA THR A 499 -7.84 -30.51 2.25
C THR A 499 -8.37 -29.43 1.31
N GLU A 500 -8.29 -29.62 -0.01
CA GLU A 500 -8.95 -28.75 -1.00
C GLU A 500 -9.16 -29.53 -2.28
N PHE A 501 -10.34 -29.32 -2.88
CA PHE A 501 -10.62 -29.50 -4.31
C PHE A 501 -11.83 -28.62 -4.58
N GLY A 502 -12.15 -28.41 -5.85
CA GLY A 502 -13.37 -27.68 -6.18
C GLY A 502 -13.26 -26.96 -7.52
N ALA A 503 -14.15 -25.99 -7.72
CA ALA A 503 -14.30 -25.30 -9.00
C ALA A 503 -15.14 -24.04 -8.80
N ASP A 504 -14.82 -22.99 -9.57
CA ASP A 504 -15.61 -21.75 -9.56
C ASP A 504 -17.03 -21.98 -10.07
N ALA A 505 -17.99 -21.31 -9.47
CA ALA A 505 -19.30 -21.17 -10.09
C ALA A 505 -19.90 -19.86 -9.63
N LEU A 506 -20.07 -18.90 -10.55
CA LEU A 506 -20.79 -17.68 -10.21
C LEU A 506 -22.25 -18.03 -9.94
N PRO A 507 -22.82 -17.59 -8.81
CA PRO A 507 -24.22 -17.94 -8.52
C PRO A 507 -25.14 -17.61 -9.70
N HIS A 508 -25.99 -18.57 -10.06
CA HIS A 508 -26.99 -18.47 -11.13
C HIS A 508 -26.37 -18.37 -12.51
N HIS A 509 -25.10 -18.70 -12.65
CA HIS A 509 -24.45 -18.69 -13.95
C HIS A 509 -24.37 -20.14 -14.44
N HIS A 510 -25.12 -20.45 -15.49
CA HIS A 510 -25.24 -21.82 -15.99
C HIS A 510 -24.59 -21.97 -17.36
N GLY A 511 -24.26 -23.22 -17.67
CA GLY A 511 -23.82 -23.59 -19.00
C GLY A 511 -23.73 -25.09 -19.09
N THR A 512 -22.99 -25.58 -20.08
CA THR A 512 -22.71 -27.01 -20.18
C THR A 512 -21.65 -27.41 -19.17
N ILE A 513 -21.52 -28.72 -18.93
CA ILE A 513 -20.53 -29.20 -17.99
C ILE A 513 -19.11 -28.87 -18.44
N SER A 514 -18.92 -28.55 -19.71
CA SER A 514 -17.59 -28.16 -20.17
C SER A 514 -17.34 -26.65 -20.06
N ASP A 515 -18.34 -25.86 -19.64
CA ASP A 515 -18.16 -24.41 -19.46
C ASP A 515 -17.60 -24.16 -18.06
N LYS A 516 -16.28 -24.02 -17.96
CA LYS A 516 -15.66 -23.77 -16.66
C LYS A 516 -16.12 -22.43 -16.08
N GLY A 517 -16.54 -22.43 -14.83
CA GLY A 517 -17.06 -21.23 -14.21
C GLY A 517 -18.57 -21.25 -14.00
N THR A 518 -19.28 -22.26 -14.53
CA THR A 518 -20.73 -22.42 -14.41
C THR A 518 -21.08 -23.37 -13.28
N GLU A 519 -22.36 -23.30 -12.86
CA GLU A 519 -22.84 -24.23 -11.84
C GLU A 519 -22.77 -25.67 -12.31
N GLU A 520 -23.11 -25.93 -13.58
CA GLU A 520 -23.13 -27.30 -14.09
C GLU A 520 -21.73 -27.90 -14.10
N CYS A 521 -20.72 -27.12 -14.50
CA CYS A 521 -19.37 -27.64 -14.49
C CYS A 521 -18.90 -27.90 -13.06
N GLN A 522 -19.22 -26.99 -12.11
CA GLN A 522 -18.81 -27.20 -10.73
C GLN A 522 -19.41 -28.49 -10.17
N ALA A 523 -20.69 -28.73 -10.43
CA ALA A 523 -21.35 -29.96 -9.96
C ALA A 523 -20.72 -31.19 -10.61
N ASP A 524 -20.37 -31.09 -11.89
CA ASP A 524 -19.69 -32.19 -12.57
C ASP A 524 -18.34 -32.49 -11.94
N VAL A 525 -17.60 -31.44 -11.55
CA VAL A 525 -16.32 -31.66 -10.89
C VAL A 525 -16.52 -32.39 -9.55
N TYR A 526 -17.53 -31.99 -8.78
CA TYR A 526 -17.79 -32.68 -7.51
C TYR A 526 -18.18 -34.14 -7.73
N GLU A 527 -19.03 -34.42 -8.72
CA GLU A 527 -19.41 -35.80 -9.01
C GLU A 527 -18.19 -36.67 -9.27
N LYS A 528 -17.28 -36.19 -10.14
CA LYS A 528 -16.11 -36.98 -10.51
C LYS A 528 -15.09 -37.06 -9.37
N GLN A 529 -14.94 -35.98 -8.59
CA GLN A 529 -14.04 -36.04 -7.43
C GLN A 529 -14.50 -37.09 -6.43
N ILE A 530 -15.78 -37.06 -6.07
CA ILE A 530 -16.32 -38.00 -5.09
C ILE A 530 -16.25 -39.44 -5.63
N ALA A 531 -16.54 -39.63 -6.92
CA ALA A 531 -16.53 -40.98 -7.48
C ALA A 531 -15.18 -41.65 -7.32
N THR A 532 -14.10 -40.89 -7.48
CA THR A 532 -12.77 -41.46 -7.26
C THR A 532 -12.40 -41.50 -5.77
N LEU A 533 -12.56 -40.37 -5.05
CA LEU A 533 -12.01 -40.27 -3.71
C LEU A 533 -12.67 -41.25 -2.73
N ARG A 534 -13.97 -41.53 -2.92
CA ARG A 534 -14.71 -42.34 -1.95
C ARG A 534 -14.20 -43.77 -1.87
N ASN A 535 -13.42 -44.25 -2.84
CA ASN A 535 -12.93 -45.63 -2.83
C ASN A 535 -11.43 -45.74 -2.63
N ILE A 536 -10.77 -44.68 -2.18
CA ILE A 536 -9.35 -44.72 -1.87
C ILE A 536 -9.20 -45.00 -0.38
N ASP A 537 -8.52 -46.10 -0.04
CA ASP A 537 -8.52 -46.61 1.33
C ASP A 537 -7.86 -45.65 2.32
N TYR A 538 -6.78 -44.97 1.91
CA TYR A 538 -6.04 -44.10 2.81
C TYR A 538 -6.62 -42.68 2.92
N ILE A 539 -7.65 -42.33 2.16
CA ILE A 539 -8.29 -41.03 2.28
C ILE A 539 -9.32 -41.14 3.39
N LYS A 540 -9.03 -40.52 4.53
CA LYS A 540 -9.88 -40.56 5.72
C LYS A 540 -10.67 -39.27 5.93
N GLY A 541 -10.64 -38.34 4.97
CA GLY A 541 -11.36 -37.09 5.15
C GLY A 541 -11.22 -36.22 3.92
N MET A 542 -12.11 -35.23 3.83
CA MET A 542 -12.06 -34.22 2.78
C MET A 542 -12.70 -32.93 3.28
N THR A 543 -12.13 -31.78 2.89
CA THR A 543 -12.66 -30.46 3.20
C THR A 543 -12.70 -29.65 1.92
N PRO A 544 -13.66 -29.92 1.04
CA PRO A 544 -13.69 -29.24 -0.25
C PRO A 544 -13.65 -27.72 -0.09
N TRP A 545 -13.03 -27.06 -1.06
CA TRP A 545 -12.90 -25.60 -1.11
C TRP A 545 -14.04 -25.08 -1.97
N ILE A 546 -15.06 -24.44 -1.37
CA ILE A 546 -15.12 -23.95 0.03
C ILE A 546 -16.61 -23.82 0.39
N LEU A 547 -16.94 -23.56 1.66
CA LEU A 547 -18.35 -23.48 2.04
C LEU A 547 -19.09 -22.38 1.28
N TYR A 548 -18.54 -21.16 1.25
CA TYR A 548 -19.24 -20.07 0.58
C TYR A 548 -18.26 -19.07 0.00
N ASP A 549 -18.70 -18.40 -1.08
CA ASP A 549 -17.88 -17.42 -1.80
C ASP A 549 -17.36 -16.34 -0.84
N PHE A 550 -16.10 -15.92 -1.05
CA PHE A 550 -15.45 -14.94 -0.18
C PHE A 550 -14.68 -13.93 -1.02
N ARG A 551 -14.49 -12.73 -0.48
N ARG A 551 -14.50 -12.72 -0.49
CA ARG A 551 -13.77 -11.68 -1.21
CA ARG A 551 -13.81 -11.67 -1.24
C ARG A 551 -12.36 -12.14 -1.55
C ARG A 551 -12.38 -12.09 -1.54
N CYS A 552 -11.94 -11.86 -2.78
CA CYS A 552 -10.64 -12.35 -3.22
C CYS A 552 -10.05 -11.45 -4.29
N PRO A 553 -8.99 -10.70 -3.95
CA PRO A 553 -8.43 -9.71 -4.90
C PRO A 553 -7.80 -10.30 -6.16
N ARG A 554 -7.59 -11.61 -6.23
CA ARG A 554 -6.95 -12.19 -7.40
C ARG A 554 -7.93 -12.53 -8.53
N ARG A 555 -9.23 -12.46 -8.29
CA ARG A 555 -10.24 -13.03 -9.20
C ARG A 555 -11.03 -11.89 -9.83
N THR A 556 -10.63 -11.45 -11.03
CA THR A 556 -11.18 -10.22 -11.61
C THR A 556 -12.10 -10.44 -12.80
N SER A 557 -12.40 -11.68 -13.18
CA SER A 557 -13.20 -11.85 -14.39
C SER A 557 -14.65 -11.48 -14.13
N LEU A 558 -15.40 -11.33 -15.23
CA LEU A 558 -16.83 -11.05 -15.14
C LEU A 558 -17.59 -12.16 -14.41
N ILE A 559 -17.12 -13.39 -14.42
CA ILE A 559 -17.81 -14.46 -13.70
C ILE A 559 -17.13 -14.74 -12.34
N GLN A 560 -16.34 -13.79 -11.84
CA GLN A 560 -15.78 -13.82 -10.48
C GLN A 560 -16.14 -12.58 -9.68
N LYS A 561 -15.90 -11.40 -10.25
CA LYS A 561 -16.27 -10.11 -9.64
C LYS A 561 -15.60 -9.93 -8.28
N TYR A 562 -14.30 -10.25 -8.20
CA TYR A 562 -13.49 -10.00 -7.00
C TYR A 562 -13.91 -10.84 -5.81
N TYR A 563 -14.53 -11.98 -6.11
CA TYR A 563 -14.85 -13.02 -5.15
C TYR A 563 -14.26 -14.32 -5.67
N ASN A 564 -13.76 -15.13 -4.76
CA ASN A 564 -13.48 -16.51 -5.09
C ASN A 564 -14.80 -17.27 -5.15
N ARG A 565 -15.12 -17.87 -6.29
CA ARG A 565 -16.44 -18.43 -6.53
C ARG A 565 -16.50 -19.94 -6.32
N LYS A 566 -15.55 -20.51 -5.59
CA LYS A 566 -15.62 -21.94 -5.32
C LYS A 566 -16.59 -22.29 -4.21
N GLY A 567 -17.29 -21.32 -3.63
CA GLY A 567 -18.26 -21.64 -2.60
C GLY A 567 -19.33 -22.61 -3.10
N LEU A 568 -19.84 -23.43 -2.17
CA LEU A 568 -21.06 -24.18 -2.42
C LEU A 568 -22.29 -23.31 -2.22
N LEU A 569 -22.13 -22.16 -1.57
CA LEU A 569 -23.18 -21.15 -1.45
C LEU A 569 -22.63 -19.81 -1.91
N SER A 570 -23.55 -18.91 -2.28
CA SER A 570 -23.22 -17.52 -2.58
C SER A 570 -22.62 -16.83 -1.34
N GLU A 571 -22.08 -15.63 -1.56
CA GLU A 571 -21.34 -14.96 -0.51
C GLU A 571 -22.22 -14.52 0.66
N ASP A 572 -23.51 -14.32 0.44
CA ASP A 572 -24.42 -14.02 1.54
C ASP A 572 -25.03 -15.27 2.16
N LYS A 573 -24.66 -16.46 1.65
CA LYS A 573 -25.13 -17.74 2.16
C LYS A 573 -26.63 -17.90 2.03
N LYS A 574 -27.27 -17.10 1.19
CA LYS A 574 -28.72 -17.25 0.98
C LYS A 574 -29.06 -18.27 -0.10
N TYR A 575 -28.09 -18.68 -0.91
CA TYR A 575 -28.36 -19.50 -2.10
C TYR A 575 -27.38 -20.67 -2.16
N ARG A 576 -27.91 -21.87 -2.30
CA ARG A 576 -27.12 -23.08 -2.44
C ARG A 576 -27.02 -23.46 -3.92
N LYS A 577 -25.78 -23.59 -4.42
CA LYS A 577 -25.52 -24.00 -5.78
C LYS A 577 -25.73 -25.51 -5.94
N PRO A 578 -25.87 -26.00 -7.16
CA PRO A 578 -26.09 -27.44 -7.35
C PRO A 578 -25.02 -28.31 -6.71
N ALA A 579 -23.75 -27.92 -6.73
CA ALA A 579 -22.71 -28.76 -6.15
C ALA A 579 -22.93 -28.97 -4.65
N PHE A 580 -23.61 -28.02 -3.98
CA PHE A 580 -23.94 -28.20 -2.57
C PHE A 580 -24.68 -29.51 -2.34
N TYR A 581 -25.67 -29.80 -3.18
CA TYR A 581 -26.48 -31.01 -3.02
C TYR A 581 -25.73 -32.26 -3.44
N VAL A 582 -24.76 -32.15 -4.34
CA VAL A 582 -23.93 -33.31 -4.69
C VAL A 582 -23.13 -33.76 -3.47
N LEU A 583 -22.45 -32.82 -2.82
CA LEU A 583 -21.67 -33.19 -1.64
C LEU A 583 -22.59 -33.66 -0.52
N GLN A 584 -23.71 -32.95 -0.31
CA GLN A 584 -24.64 -33.33 0.76
C GLN A 584 -25.15 -34.76 0.59
N LYS A 585 -25.45 -35.17 -0.65
CA LYS A 585 -25.93 -36.52 -0.89
C LYS A 585 -24.89 -37.55 -0.51
N PHE A 586 -23.61 -37.27 -0.82
CA PHE A 586 -22.52 -38.16 -0.43
C PHE A 586 -22.42 -38.24 1.09
N TYR A 587 -22.41 -37.10 1.78
CA TYR A 587 -22.24 -37.13 3.24
C TYR A 587 -23.41 -37.79 3.94
N GLU A 588 -24.62 -37.65 3.40
CA GLU A 588 -25.77 -38.31 4.03
C GLU A 588 -25.77 -39.80 3.79
N GLU A 589 -25.21 -40.27 2.66
CA GLU A 589 -24.97 -41.70 2.49
C GLU A 589 -23.99 -42.22 3.55
N LEU A 590 -22.90 -41.50 3.79
CA LEU A 590 -21.94 -41.93 4.81
C LEU A 590 -22.61 -41.97 6.18
N LYS A 591 -23.40 -40.95 6.52
CA LYS A 591 -24.12 -40.94 7.79
C LYS A 591 -25.09 -42.12 7.87
N ARG A 592 -25.80 -42.41 6.77
CA ARG A 592 -26.72 -43.54 6.76
C ARG A 592 -26.01 -44.83 7.12
N LYS A 593 -24.84 -45.06 6.51
CA LYS A 593 -24.02 -46.23 6.81
C LYS A 593 -23.47 -46.23 8.23
N GLU A 594 -23.69 -45.16 9.01
CA GLU A 594 -23.06 -44.85 10.31
C GLU A 594 -21.70 -44.17 10.11
N MET B 10 5.06 -23.64 -10.60
CA MET B 10 4.14 -22.79 -9.84
C MET B 10 4.74 -21.43 -9.48
N SER B 11 5.37 -20.77 -10.46
CA SER B 11 6.02 -19.50 -10.15
C SER B 11 5.02 -18.40 -9.81
N ASP B 12 3.77 -18.51 -10.29
CA ASP B 12 2.82 -17.43 -9.97
C ASP B 12 2.55 -17.36 -8.47
N ILE B 13 2.72 -18.46 -7.74
CA ILE B 13 2.51 -18.44 -6.29
C ILE B 13 3.81 -18.60 -5.50
N HIS B 14 4.87 -19.20 -6.07
CA HIS B 14 6.09 -19.47 -5.31
C HIS B 14 7.25 -18.53 -5.63
N LEU B 15 7.17 -17.73 -6.69
CA LEU B 15 8.25 -16.81 -7.03
C LEU B 15 8.20 -15.59 -6.12
N GLU B 16 9.27 -15.39 -5.34
CA GLU B 16 9.32 -14.23 -4.44
C GLU B 16 9.56 -12.94 -5.24
N ASP B 17 10.61 -12.91 -6.07
CA ASP B 17 10.97 -11.72 -6.83
C ASP B 17 10.41 -11.84 -8.24
N TYR B 18 9.09 -11.62 -8.35
CA TYR B 18 8.40 -11.70 -9.64
C TYR B 18 8.60 -10.45 -10.50
N THR B 19 9.16 -9.37 -9.96
CA THR B 19 9.30 -8.14 -10.73
C THR B 19 10.64 -8.02 -11.45
N GLU B 20 11.66 -8.75 -10.98
CA GLU B 20 12.98 -8.65 -11.59
C GLU B 20 12.94 -8.87 -13.10
N GLN B 21 12.12 -9.84 -13.54
CA GLN B 21 12.04 -10.12 -14.97
C GLN B 21 11.55 -8.92 -15.80
N TYR B 22 10.90 -7.93 -15.19
CA TYR B 22 10.41 -6.78 -15.95
C TYR B 22 11.37 -5.59 -15.95
N GLU B 23 12.52 -5.71 -15.28
CA GLU B 23 13.51 -4.62 -15.20
C GLU B 23 14.33 -4.57 -16.48
N THR B 24 13.65 -4.24 -17.58
CA THR B 24 14.30 -4.20 -18.89
C THR B 24 13.41 -3.39 -19.83
N GLY B 25 13.98 -3.02 -20.98
CA GLY B 25 13.27 -2.19 -21.95
C GLY B 25 12.85 -0.84 -21.40
N PHE B 26 13.72 -0.17 -20.68
CA PHE B 26 13.34 1.04 -19.97
C PHE B 26 13.06 2.18 -20.95
N ALA B 27 12.00 2.94 -20.64
CA ALA B 27 11.87 4.28 -21.19
C ALA B 27 12.67 5.22 -20.30
N THR B 28 13.58 5.99 -20.91
CA THR B 28 14.47 6.92 -20.20
C THR B 28 14.62 8.16 -21.05
N VAL B 29 15.40 9.14 -20.55
CA VAL B 29 15.67 10.32 -21.36
C VAL B 29 16.28 9.92 -22.72
N ASP B 30 17.03 8.81 -22.76
CA ASP B 30 17.68 8.43 -24.00
C ASP B 30 16.73 7.85 -25.03
N THR B 31 15.49 7.51 -24.67
CA THR B 31 14.53 7.03 -25.66
C THR B 31 13.49 8.09 -26.05
N MET B 32 13.52 9.26 -25.43
CA MET B 32 12.59 10.33 -25.81
C MET B 32 12.88 10.79 -27.22
N ILE B 33 11.83 11.25 -27.91
CA ILE B 33 12.01 11.94 -29.17
C ILE B 33 11.35 13.31 -29.05
N PHE B 34 11.88 14.27 -29.80
CA PHE B 34 11.30 15.60 -29.87
C PHE B 34 9.94 15.52 -30.55
N GLU B 35 8.92 16.17 -29.94
CA GLU B 35 7.54 16.06 -30.42
C GLU B 35 7.02 17.32 -31.09
N GLY B 36 7.75 18.42 -31.08
CA GLY B 36 7.23 19.66 -31.62
C GLY B 36 6.82 19.53 -33.05
N GLY B 37 5.59 19.90 -33.38
CA GLY B 37 5.13 19.83 -34.75
C GLY B 37 4.74 18.46 -35.25
N ARG B 38 4.82 17.43 -34.42
CA ARG B 38 4.54 16.08 -34.88
C ARG B 38 3.06 15.77 -34.71
N ARG B 39 2.46 15.24 -35.77
CA ARG B 39 1.10 14.73 -35.68
C ARG B 39 1.11 13.41 -34.90
N GLU B 40 0.14 13.27 -34.00
CA GLU B 40 0.06 12.10 -33.15
C GLU B 40 -1.38 11.57 -33.15
N GLU B 41 -1.52 10.27 -33.10
CA GLU B 41 -2.80 9.62 -32.85
C GLU B 41 -2.80 9.18 -31.40
N LEU B 42 -3.86 9.52 -30.66
CA LEU B 42 -3.90 9.20 -29.24
C LEU B 42 -4.58 7.84 -29.01
N LEU B 43 -4.24 7.22 -27.89
CA LEU B 43 -4.97 6.06 -27.39
C LEU B 43 -5.85 6.40 -26.19
N ASN B 44 -5.96 7.69 -25.88
CA ASN B 44 -7.00 8.16 -24.97
C ASN B 44 -8.35 7.54 -25.34
N GLY B 45 -9.16 7.26 -24.32
CA GLY B 45 -10.47 6.68 -24.53
C GLY B 45 -10.78 5.70 -23.43
N GLY B 46 -11.82 4.90 -23.65
CA GLY B 46 -12.18 3.89 -22.67
C GLY B 46 -11.25 2.68 -22.77
N TRP B 47 -10.65 2.31 -21.65
CA TRP B 47 -9.87 1.08 -21.56
C TRP B 47 -10.57 0.12 -20.60
N HIS B 48 -10.61 -1.15 -20.95
CA HIS B 48 -11.09 -2.16 -20.02
C HIS B 48 -10.07 -2.32 -18.90
N TYR B 49 -10.54 -2.47 -17.65
CA TYR B 49 -9.59 -2.43 -16.56
C TYR B 49 -10.00 -3.37 -15.44
N ALA B 50 -9.00 -3.68 -14.58
CA ALA B 50 -9.20 -4.38 -13.34
C ALA B 50 -8.35 -3.72 -12.27
N VAL B 51 -8.86 -3.70 -11.04
CA VAL B 51 -8.03 -3.49 -9.85
C VAL B 51 -7.24 -4.76 -9.61
N ASP B 52 -5.90 -4.63 -9.54
CA ASP B 52 -5.01 -5.78 -9.39
C ASP B 52 -4.18 -5.62 -8.11
N GLN B 53 -4.83 -5.78 -6.96
CA GLN B 53 -4.23 -5.37 -5.69
C GLN B 53 -2.99 -6.20 -5.36
N TYR B 54 -2.94 -7.46 -5.79
CA TYR B 54 -1.80 -8.31 -5.46
C TYR B 54 -0.83 -8.48 -6.63
N ASP B 55 -0.94 -7.67 -7.67
CA ASP B 55 -0.05 -7.74 -8.84
C ASP B 55 -0.18 -9.09 -9.56
N THR B 56 -1.41 -9.63 -9.58
CA THR B 56 -1.64 -10.96 -10.14
C THR B 56 -1.34 -10.99 -11.64
N CYS B 57 -1.59 -9.89 -12.36
CA CYS B 57 -1.30 -9.84 -13.79
C CYS B 57 0.18 -10.07 -14.07
N LEU B 58 1.07 -9.53 -13.24
CA LEU B 58 2.50 -9.66 -13.46
C LEU B 58 3.04 -11.02 -12.99
N ARG B 59 2.33 -11.68 -12.06
CA ARG B 59 2.73 -13.00 -11.59
C ARG B 59 2.22 -14.10 -12.51
N GLN B 60 0.97 -14.00 -12.97
CA GLN B 60 0.34 -14.99 -13.83
C GLN B 60 0.48 -14.69 -15.32
N LYS B 61 0.86 -13.46 -15.68
CA LYS B 61 1.06 -13.04 -17.08
C LYS B 61 -0.23 -13.14 -17.91
N TRP B 62 -1.25 -12.40 -17.45
CA TRP B 62 -2.52 -12.38 -18.17
C TRP B 62 -2.35 -11.96 -19.61
N TYR B 63 -1.39 -11.07 -19.90
CA TYR B 63 -1.19 -10.54 -21.24
C TYR B 63 -0.83 -11.63 -22.24
N LYS B 64 -0.38 -12.81 -21.80
CA LYS B 64 -0.15 -13.90 -22.74
C LYS B 64 -1.43 -14.56 -23.23
N GLU B 65 -2.55 -14.36 -22.52
CA GLU B 65 -3.86 -14.87 -22.93
C GLU B 65 -3.83 -16.39 -23.21
N ARG B 66 -3.22 -17.13 -22.30
CA ARG B 66 -3.22 -18.59 -22.40
C ARG B 66 -4.57 -19.11 -21.92
N TYR B 67 -5.46 -19.44 -22.85
CA TYR B 67 -6.79 -19.92 -22.52
C TYR B 67 -6.92 -21.43 -22.53
N ARG B 68 -6.03 -22.13 -23.24
CA ARG B 68 -6.06 -23.59 -23.29
C ARG B 68 -4.66 -24.12 -23.00
N ASP B 69 -4.60 -25.33 -22.45
CA ASP B 69 -3.32 -25.96 -22.22
C ASP B 69 -2.88 -26.73 -23.47
N GLU B 70 -1.74 -27.41 -23.33
CA GLU B 70 -1.09 -28.09 -24.45
C GLU B 70 -1.98 -29.15 -25.07
N LYS B 71 -2.88 -29.75 -24.28
CA LYS B 71 -3.74 -30.83 -24.75
C LYS B 71 -5.13 -30.35 -25.16
N GLY B 72 -5.37 -29.04 -25.26
CA GLY B 72 -6.64 -28.55 -25.72
C GLY B 72 -7.70 -28.31 -24.65
N PHE B 73 -7.43 -28.65 -23.40
CA PHE B 73 -8.35 -28.34 -22.32
C PHE B 73 -8.37 -26.83 -22.03
N THR B 74 -9.54 -26.29 -21.77
CA THR B 74 -9.59 -24.94 -21.21
C THR B 74 -9.01 -24.93 -19.81
N VAL B 75 -8.34 -23.84 -19.45
CA VAL B 75 -7.82 -23.66 -18.09
C VAL B 75 -8.61 -22.56 -17.40
N PRO B 76 -8.81 -22.63 -16.08
CA PRO B 76 -9.45 -21.53 -15.37
C PRO B 76 -8.61 -20.26 -15.48
N ILE B 77 -9.27 -19.11 -15.64
CA ILE B 77 -8.56 -17.84 -15.70
C ILE B 77 -9.20 -16.82 -14.75
N ASP B 78 -8.41 -15.82 -14.39
CA ASP B 78 -8.76 -14.84 -13.37
C ASP B 78 -8.99 -13.44 -13.96
N TYR B 79 -9.25 -13.37 -15.25
CA TYR B 79 -9.43 -12.08 -15.92
C TYR B 79 -10.35 -12.29 -17.11
N SER B 80 -10.89 -11.19 -17.64
CA SER B 80 -11.71 -11.25 -18.85
C SER B 80 -11.65 -9.88 -19.52
N PHE B 81 -10.69 -9.73 -20.45
CA PHE B 81 -10.31 -8.42 -20.97
C PHE B 81 -11.50 -7.67 -21.56
N ASP B 82 -12.23 -8.29 -22.49
CA ASP B 82 -13.28 -7.55 -23.18
C ASP B 82 -14.52 -7.35 -22.31
N GLU B 83 -14.69 -8.15 -21.26
CA GLU B 83 -15.87 -8.06 -20.42
C GLU B 83 -15.60 -7.31 -19.12
N TRP B 84 -14.36 -6.85 -18.92
CA TRP B 84 -14.05 -5.97 -17.81
C TRP B 84 -14.80 -4.65 -17.98
N PRO B 85 -15.07 -3.92 -16.89
CA PRO B 85 -15.62 -2.56 -17.03
C PRO B 85 -14.60 -1.64 -17.67
N VAL B 86 -15.04 -0.42 -17.95
CA VAL B 86 -14.29 0.53 -18.74
C VAL B 86 -14.00 1.77 -17.91
N MET B 87 -12.78 2.31 -18.06
CA MET B 87 -12.38 3.57 -17.44
C MET B 87 -11.83 4.48 -18.53
N GLN B 88 -12.23 5.76 -18.50
CA GLN B 88 -11.70 6.72 -19.46
C GLN B 88 -10.27 7.11 -19.09
N LEU B 89 -9.28 6.81 -19.98
CA LEU B 89 -7.92 7.28 -19.77
C LEU B 89 -7.63 8.46 -20.69
N PRO B 90 -6.75 9.41 -20.32
CA PRO B 90 -5.96 9.46 -19.08
C PRO B 90 -6.78 9.97 -17.91
N CYS B 91 -6.43 9.54 -16.71
CA CYS B 91 -7.00 10.11 -15.48
C CYS B 91 -6.14 9.67 -14.33
N SER B 92 -6.17 10.46 -13.25
CA SER B 92 -5.85 9.97 -11.93
C SER B 92 -6.97 9.05 -11.50
N TRP B 93 -6.67 7.78 -11.21
CA TRP B 93 -7.80 6.91 -10.91
C TRP B 93 -8.45 7.29 -9.59
N ASN B 94 -7.74 8.02 -8.73
CA ASN B 94 -8.26 8.34 -7.40
C ASN B 94 -9.51 9.18 -7.47
N THR B 95 -9.68 9.99 -8.50
CA THR B 95 -10.84 10.86 -8.58
C THR B 95 -11.92 10.32 -9.53
N ILE B 96 -11.76 9.07 -9.99
CA ILE B 96 -12.74 8.41 -10.86
C ILE B 96 -13.94 7.92 -10.07
N ASP B 97 -13.70 7.34 -8.90
CA ASP B 97 -14.73 6.74 -8.08
C ASP B 97 -14.22 6.83 -6.65
N PRO B 98 -15.09 7.12 -5.68
CA PRO B 98 -14.63 7.21 -4.29
C PRO B 98 -13.99 5.93 -3.79
N MET B 99 -14.33 4.80 -4.40
CA MET B 99 -13.69 3.55 -4.02
C MET B 99 -12.19 3.57 -4.31
N TYR B 100 -11.75 4.43 -5.24
CA TYR B 100 -10.36 4.44 -5.65
C TYR B 100 -9.57 5.59 -5.04
N LEU B 101 -10.20 6.48 -4.26
CA LEU B 101 -9.51 7.66 -3.74
C LEU B 101 -8.25 7.27 -2.97
N LEU B 102 -8.35 6.26 -2.11
CA LEU B 102 -7.22 5.82 -1.29
C LEU B 102 -6.54 4.58 -1.84
N TYR B 103 -6.84 4.19 -3.07
CA TYR B 103 -6.21 3.01 -3.66
C TYR B 103 -4.88 3.43 -4.28
N GLU B 104 -3.80 2.74 -3.89
CA GLU B 104 -2.49 3.02 -4.47
C GLU B 104 -1.76 1.74 -4.80
N GLY B 105 -2.49 0.68 -5.14
CA GLY B 105 -1.83 -0.49 -5.67
C GLY B 105 -1.73 -0.42 -7.18
N SER B 106 -1.97 -1.55 -7.84
CA SER B 106 -1.87 -1.64 -9.28
C SER B 106 -3.25 -1.75 -9.92
N MET B 107 -3.38 -1.18 -11.10
CA MET B 107 -4.51 -1.41 -11.99
C MET B 107 -3.97 -1.83 -13.34
N VAL B 108 -4.76 -2.65 -14.04
CA VAL B 108 -4.40 -3.18 -15.35
C VAL B 108 -5.41 -2.65 -16.35
N PHE B 109 -4.93 -2.01 -17.42
CA PHE B 109 -5.76 -1.40 -18.45
C PHE B 109 -5.47 -2.06 -19.79
N THR B 110 -6.50 -2.33 -20.57
CA THR B 110 -6.26 -2.89 -21.90
C THR B 110 -7.25 -2.35 -22.90
N ARG B 111 -6.79 -2.21 -24.15
CA ARG B 111 -7.67 -1.87 -25.27
C ARG B 111 -7.03 -2.41 -26.54
N LYS B 112 -7.76 -2.29 -27.65
CA LYS B 112 -7.29 -2.72 -28.96
C LYS B 112 -7.19 -1.52 -29.89
N PHE B 113 -6.37 -1.65 -30.93
CA PHE B 113 -6.31 -0.64 -31.98
C PHE B 113 -5.74 -1.30 -33.24
N SER B 114 -6.15 -0.77 -34.40
CA SER B 114 -5.67 -1.25 -35.68
C SER B 114 -4.51 -0.39 -36.15
N TYR B 115 -3.65 -0.96 -37.00
CA TYR B 115 -2.45 -0.28 -37.47
C TYR B 115 -2.20 -0.64 -38.93
N ILE B 116 -2.11 0.38 -39.79
CA ILE B 116 -1.73 0.22 -41.19
C ILE B 116 -0.69 1.29 -41.49
N ALA B 117 0.49 0.89 -41.91
CA ALA B 117 1.52 1.84 -42.31
C ALA B 117 1.29 2.30 -43.75
N GLU B 118 1.17 3.60 -43.97
CA GLU B 118 1.07 4.10 -45.34
C GLU B 118 2.43 4.26 -46.00
N ARG B 119 3.50 4.24 -45.22
CA ARG B 119 4.87 4.30 -45.71
C ARG B 119 5.76 3.67 -44.65
N GLU B 120 7.02 3.46 -45.00
CA GLU B 120 7.97 2.94 -44.03
C GLU B 120 8.11 3.94 -42.89
N GLU B 121 7.95 3.47 -41.67
CA GLU B 121 7.91 4.38 -40.53
C GLU B 121 8.25 3.64 -39.26
N THR B 122 8.84 4.36 -38.32
CA THR B 122 9.04 3.92 -36.96
C THR B 122 7.87 4.43 -36.12
N VAL B 123 7.42 3.64 -35.15
CA VAL B 123 6.29 4.05 -34.30
C VAL B 123 6.74 4.04 -32.85
N PHE B 124 6.57 5.17 -32.16
CA PHE B 124 6.72 5.24 -30.72
C PHE B 124 5.37 5.24 -30.02
N LEU B 125 5.31 4.51 -28.91
CA LEU B 125 4.29 4.69 -27.88
C LEU B 125 4.79 5.71 -26.87
N LYS B 126 4.00 6.74 -26.61
CA LYS B 126 4.30 7.68 -25.53
C LYS B 126 3.23 7.58 -24.45
N VAL B 127 3.66 7.40 -23.21
CA VAL B 127 2.79 7.55 -22.04
C VAL B 127 3.17 8.87 -21.39
N GLY B 128 2.26 9.85 -21.42
CA GLY B 128 2.63 11.21 -21.03
C GLY B 128 3.06 11.32 -19.58
N ALA B 129 2.45 10.52 -18.70
CA ALA B 129 2.87 10.37 -17.32
C ALA B 129 2.08 9.21 -16.71
N ALA B 130 2.75 8.42 -15.89
CA ALA B 130 2.07 7.36 -15.15
C ALA B 130 2.77 7.24 -13.80
N ASN B 131 1.99 7.34 -12.71
CA ASN B 131 2.56 7.29 -11.37
C ASN B 131 2.19 5.98 -10.70
N TYR B 132 3.19 5.18 -10.26
CA TYR B 132 4.61 5.49 -10.31
C TYR B 132 5.39 4.65 -11.33
N LEU B 133 4.98 3.38 -11.47
CA LEU B 133 5.58 2.47 -12.44
C LEU B 133 4.57 2.14 -13.54
N CYS B 134 5.07 2.03 -14.78
CA CYS B 134 4.23 1.66 -15.91
C CYS B 134 4.92 0.54 -16.68
N ARG B 135 4.24 -0.61 -16.79
CA ARG B 135 4.73 -1.76 -17.55
C ARG B 135 3.84 -1.93 -18.77
N VAL B 136 4.47 -2.14 -19.93
CA VAL B 136 3.78 -2.09 -21.22
C VAL B 136 3.87 -3.46 -21.90
N PHE B 137 2.73 -3.95 -22.38
CA PHE B 137 2.66 -5.19 -23.13
C PHE B 137 1.90 -4.92 -24.41
N LEU B 138 2.36 -5.54 -25.50
CA LEU B 138 1.78 -5.31 -26.82
C LEU B 138 1.74 -6.65 -27.56
N ASN B 139 0.52 -7.09 -27.90
CA ASN B 139 0.31 -8.36 -28.61
C ASN B 139 0.99 -9.53 -27.89
N GLY B 140 0.84 -9.56 -26.56
CA GLY B 140 1.30 -10.67 -25.75
C GLY B 140 2.77 -10.64 -25.40
N LYS B 141 3.52 -9.64 -25.84
CA LYS B 141 4.94 -9.50 -25.56
C LYS B 141 5.20 -8.28 -24.67
N TYR B 142 6.22 -8.40 -23.84
CA TYR B 142 6.61 -7.32 -22.94
C TYR B 142 7.46 -6.30 -23.68
N VAL B 143 7.02 -5.05 -23.70
CA VAL B 143 7.77 -3.97 -24.34
C VAL B 143 8.80 -3.39 -23.39
N GLY B 144 8.41 -3.08 -22.15
CA GLY B 144 9.32 -2.40 -21.25
C GLY B 144 8.56 -1.63 -20.19
N MET B 145 9.30 -0.84 -19.42
CA MET B 145 8.70 -0.12 -18.31
C MET B 145 9.30 1.27 -18.16
N HIS B 146 8.62 2.06 -17.33
CA HIS B 146 9.09 3.37 -16.93
C HIS B 146 8.96 3.50 -15.42
N ARG B 147 9.93 4.18 -14.83
CA ARG B 147 10.00 4.46 -13.39
C ARG B 147 10.04 5.98 -13.23
N GLY B 148 9.17 6.51 -12.36
CA GLY B 148 9.08 7.95 -12.21
C GLY B 148 7.72 8.49 -12.62
N GLY B 149 7.05 9.21 -11.73
CA GLY B 149 5.62 9.43 -11.89
C GLY B 149 5.15 10.68 -12.60
N SER B 150 6.05 11.55 -13.08
CA SER B 150 5.63 12.84 -13.62
C SER B 150 6.30 13.20 -14.94
N THR B 151 6.91 12.25 -15.63
CA THR B 151 7.59 12.55 -16.88
C THR B 151 7.15 11.60 -17.98
N PRO B 152 7.20 12.05 -19.24
CA PRO B 152 6.72 11.21 -20.34
C PRO B 152 7.71 10.10 -20.69
N ALA B 153 7.15 8.97 -21.11
CA ALA B 153 7.91 7.76 -21.37
C ALA B 153 7.66 7.32 -22.81
N PHE B 154 8.74 7.00 -23.55
CA PHE B 154 8.68 6.66 -24.97
C PHE B 154 9.29 5.29 -25.19
N TRP B 155 8.61 4.45 -25.96
CA TRP B 155 9.10 3.14 -26.36
C TRP B 155 8.92 2.96 -27.86
N ASN B 156 9.97 2.50 -28.54
CA ASN B 156 9.88 2.11 -29.94
C ASN B 156 9.12 0.78 -30.04
N ILE B 157 7.90 0.80 -30.58
CA ILE B 157 7.08 -0.42 -30.66
C ILE B 157 6.97 -0.94 -32.08
N THR B 158 7.76 -0.38 -33.00
CA THR B 158 7.69 -0.76 -34.41
C THR B 158 7.64 -2.28 -34.61
N GLU B 159 8.50 -3.00 -33.92
CA GLU B 159 8.63 -4.44 -34.16
C GLU B 159 7.53 -5.26 -33.52
N TYR B 160 6.68 -4.68 -32.67
CA TYR B 160 5.61 -5.41 -32.03
C TYR B 160 4.28 -5.30 -32.75
N LEU B 161 4.15 -4.35 -33.66
CA LEU B 161 2.87 -4.00 -34.23
C LEU B 161 2.38 -5.05 -35.21
N LYS B 162 1.06 -5.24 -35.25
CA LYS B 162 0.37 -6.04 -36.25
C LYS B 162 -0.77 -5.21 -36.82
N ALA B 163 -1.54 -5.82 -37.73
CA ALA B 163 -2.71 -5.13 -38.29
C ALA B 163 -3.77 -4.86 -37.21
N GLU B 164 -3.93 -5.77 -36.26
CA GLU B 164 -4.82 -5.62 -35.11
C GLU B 164 -4.01 -5.86 -33.85
N ASN B 165 -4.14 -4.98 -32.85
CA ASN B 165 -3.26 -4.98 -31.69
C ASN B 165 -4.05 -4.98 -30.38
N ARG B 166 -3.49 -5.62 -29.36
CA ARG B 166 -3.93 -5.44 -27.98
C ARG B 166 -2.77 -4.92 -27.17
N ILE B 167 -2.97 -3.78 -26.51
CA ILE B 167 -2.00 -3.17 -25.63
C ILE B 167 -2.52 -3.35 -24.21
N VAL B 168 -1.62 -3.67 -23.28
CA VAL B 168 -1.92 -3.76 -21.86
C VAL B 168 -0.95 -2.84 -21.13
N LEU B 169 -1.49 -2.02 -20.22
CA LEU B 169 -0.69 -1.20 -19.33
C LEU B 169 -0.94 -1.64 -17.90
N ALA B 170 0.12 -2.06 -17.20
CA ALA B 170 0.03 -2.35 -15.78
C ALA B 170 0.70 -1.21 -15.02
N VAL B 171 -0.05 -0.52 -14.17
CA VAL B 171 0.41 0.71 -13.53
C VAL B 171 0.32 0.54 -12.02
N ASP B 172 1.46 0.70 -11.34
CA ASP B 172 1.56 0.47 -9.90
C ASP B 172 1.70 1.82 -9.19
N GLY B 173 0.74 2.17 -8.34
CA GLY B 173 0.88 3.40 -7.58
C GLY B 173 1.64 3.27 -6.28
N THR B 174 2.21 2.10 -5.99
CA THR B 174 2.80 1.86 -4.67
C THR B 174 3.89 2.86 -4.35
N ARG B 175 3.87 3.38 -3.11
CA ARG B 175 4.94 4.23 -2.56
C ARG B 175 6.04 3.36 -1.96
N ARG B 176 7.29 3.75 -2.18
CA ARG B 176 8.45 2.98 -1.70
C ARG B 176 9.52 3.93 -1.20
N PRO B 177 10.19 3.61 -0.10
CA PRO B 177 11.19 4.55 0.44
C PRO B 177 12.35 4.84 -0.51
N GLU B 178 12.69 3.91 -1.40
CA GLU B 178 13.82 4.10 -2.31
C GLU B 178 13.44 4.82 -3.60
N GLN B 179 12.17 5.19 -3.76
CA GLN B 179 11.74 5.88 -4.97
C GLN B 179 12.01 7.37 -4.84
N VAL B 180 11.74 8.10 -5.92
CA VAL B 180 11.87 9.55 -6.01
C VAL B 180 10.51 10.09 -6.47
N PRO B 181 9.62 10.49 -5.54
CA PRO B 181 9.84 10.72 -4.10
C PRO B 181 9.76 9.45 -3.26
N THR B 182 10.03 9.58 -1.96
CA THR B 182 9.88 8.47 -1.04
C THR B 182 8.40 8.27 -0.74
N GLU B 183 8.11 7.36 0.19
CA GLU B 183 6.75 7.13 0.64
C GLU B 183 6.19 8.29 1.46
N ASN B 184 7.01 9.24 1.93
CA ASN B 184 6.54 10.33 2.79
C ASN B 184 6.72 11.65 2.05
N THR B 185 5.61 12.29 1.70
CA THR B 185 5.61 13.61 1.07
C THR B 185 4.51 14.43 1.74
N ASP B 186 4.44 15.71 1.39
CA ASP B 186 3.31 16.52 1.85
C ASP B 186 2.34 16.80 0.70
N TRP B 187 2.15 15.83 -0.21
CA TRP B 187 1.09 15.98 -1.20
C TRP B 187 0.43 14.61 -1.43
N PHE B 188 -0.63 14.61 -2.25
CA PHE B 188 -1.49 13.45 -2.38
C PHE B 188 -0.92 12.49 -3.43
N ASN B 189 -1.01 11.18 -3.14
CA ASN B 189 -0.48 10.17 -4.07
C ASN B 189 -1.55 9.81 -5.11
N TYR B 190 -1.63 10.66 -6.15
CA TYR B 190 -2.49 10.38 -7.30
C TYR B 190 -1.82 9.34 -8.20
N CYS B 191 -2.55 8.28 -8.55
CA CYS B 191 -2.00 7.15 -9.28
C CYS B 191 -2.67 6.97 -10.63
N GLY B 192 -1.98 6.25 -11.53
CA GLY B 192 -2.54 5.89 -12.82
C GLY B 192 -1.85 6.59 -13.98
N VAL B 193 -2.44 6.43 -15.16
CA VAL B 193 -1.94 7.01 -16.40
C VAL B 193 -2.75 8.29 -16.63
N TYR B 194 -2.16 9.46 -16.38
CA TYR B 194 -2.96 10.67 -16.22
C TYR B 194 -2.57 11.80 -17.16
N ARG B 195 -1.68 11.57 -18.12
CA ARG B 195 -1.48 12.48 -19.24
C ARG B 195 -1.57 11.64 -20.52
N ASP B 196 -1.64 12.32 -21.67
CA ASP B 196 -2.04 11.68 -22.93
C ASP B 196 -1.18 10.46 -23.24
N ILE B 197 -1.83 9.46 -23.84
CA ILE B 197 -1.19 8.28 -24.40
C ILE B 197 -1.22 8.42 -25.91
N ALA B 198 -0.05 8.30 -26.55
CA ALA B 198 0.04 8.64 -27.98
C ALA B 198 0.83 7.61 -28.76
N LEU B 199 0.47 7.47 -30.03
CA LEU B 199 1.25 6.76 -31.03
C LEU B 199 1.86 7.80 -31.96
N ILE B 200 3.17 7.72 -32.18
CA ILE B 200 3.88 8.74 -32.95
C ILE B 200 4.62 8.04 -34.08
N ARG B 201 4.20 8.30 -35.31
CA ARG B 201 4.85 7.75 -36.50
C ARG B 201 5.92 8.72 -36.98
N VAL B 202 7.14 8.22 -37.19
CA VAL B 202 8.26 9.07 -37.62
C VAL B 202 9.09 8.31 -38.64
N PRO B 203 9.84 9.03 -39.49
CA PRO B 203 10.72 8.35 -40.46
C PRO B 203 11.76 7.50 -39.74
N LYS B 204 12.32 6.52 -40.46
CA LYS B 204 13.36 5.69 -39.87
C LYS B 204 14.51 6.53 -39.38
N CYS B 205 14.97 7.44 -40.22
CA CYS B 205 15.97 8.43 -39.86
C CYS B 205 15.20 9.69 -39.48
N HIS B 206 15.14 9.99 -38.17
CA HIS B 206 14.31 11.11 -37.72
C HIS B 206 15.08 11.98 -36.74
N ILE B 207 14.58 13.20 -36.56
CA ILE B 207 15.11 14.13 -35.57
C ILE B 207 14.75 13.65 -34.17
N LYS B 208 15.77 13.39 -33.35
CA LYS B 208 15.58 12.85 -32.01
C LYS B 208 15.55 13.94 -30.94
N THR B 209 16.47 14.90 -31.00
CA THR B 209 16.43 16.08 -30.14
C THR B 209 16.62 17.35 -30.97
N PHE B 210 16.01 18.44 -30.48
CA PHE B 210 16.16 19.76 -31.09
C PHE B 210 16.10 20.78 -29.96
N LYS B 211 17.20 21.52 -29.79
CA LYS B 211 17.35 22.50 -28.72
C LYS B 211 17.72 23.85 -29.35
N ILE B 212 17.06 24.91 -28.89
CA ILE B 212 17.34 26.24 -29.42
C ILE B 212 17.18 27.25 -28.30
N ALA B 213 18.09 28.21 -28.25
CA ALA B 213 18.08 29.24 -27.22
C ALA B 213 18.92 30.41 -27.69
N LEU B 214 18.63 31.57 -27.12
CA LEU B 214 19.55 32.69 -27.18
C LEU B 214 20.84 32.33 -26.45
N VAL B 215 21.98 32.63 -27.07
CA VAL B 215 23.26 32.42 -26.37
C VAL B 215 23.36 33.43 -25.23
N PRO B 216 23.63 33.00 -23.99
CA PRO B 216 23.62 33.90 -22.84
C PRO B 216 24.94 34.64 -22.66
N ASP B 217 25.35 35.38 -23.70
CA ASP B 217 26.64 36.04 -23.71
C ASP B 217 26.55 37.55 -23.49
N GLY B 218 25.39 38.06 -23.12
CA GLY B 218 25.25 39.46 -22.83
C GLY B 218 25.04 40.35 -24.04
N THR B 219 25.13 39.82 -25.26
CA THR B 219 24.93 40.63 -26.45
C THR B 219 23.51 40.57 -26.99
N PHE B 220 22.74 39.53 -26.63
CA PHE B 220 21.37 39.36 -27.12
C PHE B 220 21.31 39.22 -28.64
N GLY B 221 22.44 38.91 -29.28
CA GLY B 221 22.47 38.86 -30.73
C GLY B 221 22.85 37.52 -31.36
N HIS B 222 23.02 36.48 -30.55
CA HIS B 222 23.41 35.16 -31.03
C HIS B 222 22.44 34.08 -30.55
N VAL B 223 22.07 33.19 -31.47
CA VAL B 223 21.16 32.08 -31.21
C VAL B 223 21.87 30.77 -31.52
N MET B 224 21.75 29.80 -30.62
CA MET B 224 22.32 28.47 -30.81
C MET B 224 21.18 27.50 -31.11
N ALA B 225 21.43 26.55 -31.99
CA ALA B 225 20.49 25.48 -32.27
C ALA B 225 21.26 24.18 -32.40
N LYS B 226 20.73 23.12 -31.79
CA LYS B 226 21.38 21.81 -31.75
C LYS B 226 20.39 20.73 -32.17
N VAL B 227 20.86 19.78 -32.99
CA VAL B 227 20.05 18.68 -33.49
C VAL B 227 20.80 17.38 -33.29
N THR B 228 20.09 16.34 -32.84
CA THR B 228 20.60 14.97 -32.95
C THR B 228 19.56 14.11 -33.64
N LEU B 229 20.03 13.09 -34.35
CA LEU B 229 19.19 12.20 -35.13
C LEU B 229 19.09 10.84 -34.44
N SER B 230 18.18 10.01 -34.94
CA SER B 230 18.04 8.64 -34.48
C SER B 230 19.15 7.71 -34.95
N GLU B 231 19.98 8.14 -35.91
CA GLU B 231 21.03 7.31 -36.52
C GLU B 231 22.34 8.10 -36.58
N LYS B 232 23.46 7.37 -36.50
CA LYS B 232 24.77 7.96 -36.76
C LYS B 232 24.94 8.06 -38.26
N ILE B 233 24.79 9.26 -38.81
CA ILE B 233 24.77 9.47 -40.24
C ILE B 233 25.41 10.82 -40.52
N THR B 234 26.08 10.93 -41.68
CA THR B 234 26.55 12.21 -42.18
C THR B 234 25.39 12.87 -42.93
N ALA B 235 24.92 14.00 -42.45
CA ALA B 235 23.72 14.57 -43.05
C ALA B 235 23.70 16.06 -42.75
N LYS B 236 22.59 16.71 -43.08
CA LYS B 236 22.40 18.10 -42.71
C LYS B 236 20.94 18.31 -42.33
N ALA B 237 20.71 19.37 -41.54
CA ALA B 237 19.37 19.84 -41.25
C ALA B 237 19.21 21.25 -41.79
N GLU B 238 17.97 21.62 -42.08
CA GLU B 238 17.66 22.96 -42.57
C GLU B 238 16.77 23.65 -41.53
N LEU B 239 17.29 24.71 -40.91
CA LEU B 239 16.59 25.50 -39.90
C LEU B 239 16.05 26.81 -40.50
N VAL B 240 14.77 27.09 -40.25
CA VAL B 240 14.08 28.28 -40.76
C VAL B 240 13.39 29.00 -39.61
N ILE B 241 13.66 30.30 -39.46
CA ILE B 241 12.86 31.18 -38.59
C ILE B 241 12.46 32.37 -39.47
N GLU B 242 11.31 32.25 -40.14
CA GLU B 242 10.93 33.21 -41.19
C GLU B 242 10.87 34.63 -40.65
N GLU B 243 10.29 34.82 -39.48
CA GLU B 243 10.09 36.17 -38.97
C GLU B 243 11.42 36.86 -38.66
N LEU B 244 12.46 36.09 -38.36
CA LEU B 244 13.79 36.67 -38.14
C LEU B 244 14.67 36.63 -39.38
N GLY B 245 14.13 36.24 -40.53
CA GLY B 245 14.95 36.10 -41.74
C GLY B 245 16.03 35.05 -41.65
N VAL B 246 15.82 33.99 -40.86
CA VAL B 246 16.84 32.96 -40.64
C VAL B 246 16.56 31.78 -41.56
N SER B 247 17.60 31.34 -42.27
CA SER B 247 17.56 30.10 -43.05
C SER B 247 18.98 29.56 -43.04
N ARG B 248 19.28 28.65 -42.12
CA ARG B 248 20.65 28.17 -41.88
C ARG B 248 20.72 26.67 -42.00
N LYS B 249 21.81 26.22 -42.62
CA LYS B 249 22.20 24.83 -42.68
C LYS B 249 22.79 24.40 -41.33
N ILE B 250 22.48 23.17 -40.89
CA ILE B 250 23.16 22.57 -39.75
C ILE B 250 23.82 21.28 -40.24
N GLN B 251 25.15 21.24 -40.22
CA GLN B 251 25.87 20.06 -40.68
C GLN B 251 25.90 19.03 -39.57
N LEU B 252 25.57 17.80 -39.90
CA LEU B 252 25.49 16.74 -38.90
C LEU B 252 26.60 15.74 -39.15
N GLU B 253 27.35 15.46 -38.09
CA GLU B 253 28.40 14.45 -38.10
C GLU B 253 28.00 13.37 -37.11
N ASN B 254 27.98 12.12 -37.56
CA ASN B 254 27.53 11.01 -36.72
C ASN B 254 26.16 11.31 -36.09
N GLY B 255 25.29 11.95 -36.87
CA GLY B 255 23.93 12.23 -36.44
C GLY B 255 23.77 13.39 -35.47
N ALA B 256 24.77 14.25 -35.31
CA ALA B 256 24.67 15.36 -34.35
C ALA B 256 25.40 16.58 -34.89
N GLY B 257 24.83 17.75 -34.63
CA GLY B 257 25.49 18.98 -35.04
C GLY B 257 24.80 20.17 -34.40
N GLU B 258 25.47 21.31 -34.47
CA GLU B 258 24.90 22.55 -33.95
C GLU B 258 25.37 23.72 -34.79
N VAL B 259 24.72 24.85 -34.56
CA VAL B 259 25.05 26.10 -35.26
C VAL B 259 24.80 27.25 -34.28
N VAL B 260 25.62 28.30 -34.40
CA VAL B 260 25.38 29.58 -33.75
C VAL B 260 25.30 30.62 -34.86
N PHE B 261 24.27 31.47 -34.81
CA PHE B 261 24.07 32.45 -35.87
C PHE B 261 23.56 33.76 -35.29
N ASP B 262 23.75 34.84 -36.06
CA ASP B 262 23.31 36.17 -35.68
C ASP B 262 21.82 36.33 -35.90
N ALA B 263 21.15 36.94 -34.94
CA ALA B 263 19.74 37.28 -35.08
C ALA B 263 19.41 38.34 -34.04
N LYS B 264 18.33 39.07 -34.28
CA LYS B 264 17.91 40.16 -33.41
C LYS B 264 16.46 39.96 -32.96
N PRO B 265 16.19 38.93 -32.17
CA PRO B 265 14.82 38.74 -31.70
C PRO B 265 14.45 39.80 -30.67
N GLU B 266 13.17 40.16 -30.64
CA GLU B 266 12.62 40.81 -29.46
C GLU B 266 12.74 39.84 -28.29
N LEU B 267 13.21 40.34 -27.15
CA LEU B 267 13.52 39.47 -26.03
C LEU B 267 12.27 39.19 -25.20
N TRP B 268 12.05 37.92 -24.87
CA TRP B 268 10.84 37.50 -24.18
C TRP B 268 10.83 38.02 -22.74
N THR B 269 9.68 38.53 -22.29
CA THR B 269 9.45 38.85 -20.89
C THR B 269 8.04 38.41 -20.54
N PRO B 270 7.71 38.30 -19.25
CA PRO B 270 6.31 38.02 -18.90
C PRO B 270 5.35 39.10 -19.37
N GLU B 271 5.80 40.35 -19.42
CA GLU B 271 4.96 41.45 -19.89
C GLU B 271 4.84 41.46 -21.41
N LYS B 272 5.91 41.09 -22.13
CA LYS B 272 5.88 41.04 -23.60
C LYS B 272 6.36 39.67 -24.05
N PRO B 273 5.51 38.64 -23.94
CA PRO B 273 5.93 37.23 -24.18
C PRO B 273 6.00 36.91 -25.67
N LYS B 274 6.99 37.49 -26.35
CA LYS B 274 7.11 37.35 -27.80
C LYS B 274 7.63 35.95 -28.15
N LEU B 275 6.93 35.27 -29.04
CA LEU B 275 7.29 33.93 -29.47
C LEU B 275 7.48 33.91 -30.98
N TYR B 276 8.35 33.00 -31.45
CA TYR B 276 8.68 32.85 -32.87
C TYR B 276 8.46 31.41 -33.32
N ASP B 277 7.93 31.26 -34.53
CA ASP B 277 7.78 29.95 -35.14
C ASP B 277 9.11 29.51 -35.73
N VAL B 278 9.55 28.31 -35.39
CA VAL B 278 10.79 27.77 -35.89
C VAL B 278 10.52 26.40 -36.51
N LYS B 279 11.15 26.12 -37.65
CA LYS B 279 10.93 24.88 -38.36
C LYS B 279 12.26 24.25 -38.74
N VAL B 280 12.40 22.94 -38.52
CA VAL B 280 13.62 22.21 -38.84
C VAL B 280 13.24 21.01 -39.70
N THR B 281 13.89 20.88 -40.86
CA THR B 281 13.76 19.68 -41.69
C THR B 281 15.09 18.93 -41.70
N CYS B 282 15.00 17.61 -41.87
CA CYS B 282 16.19 16.78 -41.99
C CYS B 282 15.77 15.47 -42.63
N GLY B 283 16.36 15.14 -43.79
CA GLY B 283 15.85 14.02 -44.54
C GLY B 283 14.38 14.21 -44.86
N THR B 284 13.59 13.14 -44.68
CA THR B 284 12.14 13.24 -44.89
C THR B 284 11.40 13.74 -43.65
N ASP B 285 12.12 14.10 -42.59
CA ASP B 285 11.50 14.48 -41.33
C ASP B 285 11.38 16.00 -41.20
N THR B 286 10.39 16.43 -40.43
CA THR B 286 10.14 17.83 -40.14
C THR B 286 9.72 17.93 -38.68
N VAL B 287 10.30 18.89 -37.95
CA VAL B 287 9.75 19.27 -36.65
C VAL B 287 9.63 20.78 -36.61
N SER B 288 8.91 21.27 -35.60
CA SER B 288 8.76 22.71 -35.44
C SER B 288 8.55 23.02 -33.96
N ASP B 289 8.69 24.29 -33.62
CA ASP B 289 8.49 24.73 -32.24
C ASP B 289 8.04 26.19 -32.25
N ARG B 290 7.67 26.67 -31.07
CA ARG B 290 7.28 28.07 -30.89
C ARG B 290 8.04 28.55 -29.67
N VAL B 291 9.04 29.40 -29.87
CA VAL B 291 10.05 29.64 -28.85
C VAL B 291 10.27 31.13 -28.63
N GLY B 292 10.57 31.49 -27.38
CA GLY B 292 10.97 32.84 -27.07
C GLY B 292 12.46 32.87 -26.82
N PHE B 293 13.05 34.06 -26.95
CA PHE B 293 14.48 34.22 -26.71
C PHE B 293 14.69 35.18 -25.55
N ARG B 294 15.46 34.73 -24.56
CA ARG B 294 15.72 35.55 -23.39
C ARG B 294 16.98 35.03 -22.74
N GLU B 295 17.61 35.89 -21.95
CA GLU B 295 18.81 35.53 -21.21
C GLU B 295 18.49 35.61 -19.74
N ILE B 296 18.81 34.55 -19.00
CA ILE B 296 18.73 34.57 -17.54
C ILE B 296 20.12 34.31 -17.01
N ARG B 297 20.62 35.24 -16.18
CA ARG B 297 21.92 35.12 -15.56
C ARG B 297 21.81 35.63 -14.12
N VAL B 298 22.82 35.32 -13.34
CA VAL B 298 23.03 35.86 -12.00
C VAL B 298 24.35 36.62 -11.99
N ASN B 299 24.36 37.77 -11.32
CA ASN B 299 25.56 38.62 -11.21
C ASN B 299 25.61 39.09 -9.75
N GLY B 300 26.53 38.50 -8.98
CA GLY B 300 26.54 38.77 -7.56
C GLY B 300 25.24 38.34 -6.93
N ARG B 301 24.53 39.30 -6.32
CA ARG B 301 23.22 39.09 -5.73
C ARG B 301 22.06 39.41 -6.67
N ASP B 302 22.33 39.84 -7.91
CA ASP B 302 21.28 40.18 -8.85
C ASP B 302 20.87 38.99 -9.71
N ILE B 303 19.56 38.85 -9.90
CA ILE B 303 19.00 37.99 -10.94
C ILE B 303 18.74 38.86 -12.16
N LEU B 304 19.38 38.55 -13.29
CA LEU B 304 19.30 39.37 -14.49
C LEU B 304 18.48 38.67 -15.57
N LEU B 305 17.40 39.31 -15.99
CA LEU B 305 16.63 38.87 -17.14
C LEU B 305 16.87 39.86 -18.26
N ASN B 306 17.45 39.39 -19.36
CA ASN B 306 17.75 40.24 -20.50
C ASN B 306 18.58 41.44 -20.09
N GLY B 307 19.55 41.21 -19.20
CA GLY B 307 20.48 42.23 -18.78
C GLY B 307 20.03 43.08 -17.61
N GLU B 308 18.77 42.97 -17.18
CA GLU B 308 18.19 43.87 -16.19
C GLU B 308 17.86 43.15 -14.89
N PRO B 309 18.20 43.70 -13.73
CA PRO B 309 17.86 43.02 -12.48
C PRO B 309 16.35 42.95 -12.28
N VAL B 310 15.88 41.84 -11.70
CA VAL B 310 14.45 41.64 -11.50
C VAL B 310 14.19 41.20 -10.07
N PHE B 311 12.99 41.53 -9.59
CA PHE B 311 12.43 40.92 -8.39
C PHE B 311 11.32 39.96 -8.82
N LEU B 312 11.42 38.72 -8.38
CA LEU B 312 10.47 37.68 -8.79
C LEU B 312 9.29 37.70 -7.81
N ARG B 313 8.19 38.29 -8.25
CA ARG B 313 6.94 38.28 -7.50
C ARG B 313 6.23 36.98 -7.81
N GLY B 314 6.36 35.98 -6.93
CA GLY B 314 5.94 34.64 -7.25
C GLY B 314 4.87 34.08 -6.32
N ILE B 315 4.41 32.89 -6.68
CA ILE B 315 3.55 32.05 -5.83
C ILE B 315 3.89 30.59 -6.14
N SER B 316 3.80 29.72 -5.15
CA SER B 316 3.96 28.30 -5.42
C SER B 316 2.63 27.70 -5.87
N CYS B 317 2.71 26.53 -6.52
CA CYS B 317 1.49 25.92 -7.05
C CYS B 317 1.73 24.43 -7.27
N HIS B 318 0.81 23.60 -6.74
CA HIS B 318 0.81 22.17 -7.00
C HIS B 318 -0.05 21.87 -8.22
N GLU B 319 0.13 20.67 -8.77
CA GLU B 319 -0.73 20.15 -9.83
C GLU B 319 -1.88 19.38 -9.16
N ASP B 320 -2.91 20.13 -8.74
N ASP B 320 -2.93 20.12 -8.77
CA ASP B 320 -4.05 19.49 -8.08
CA ASP B 320 -4.05 19.55 -8.02
C ASP B 320 -5.35 20.05 -8.61
C ASP B 320 -5.38 20.09 -8.57
N SER B 321 -6.40 19.23 -8.52
CA SER B 321 -7.73 19.56 -9.03
C SER B 321 -8.73 18.74 -8.25
N VAL B 322 -9.80 19.38 -7.78
CA VAL B 322 -10.85 18.65 -7.06
C VAL B 322 -11.40 17.52 -7.91
N GLU B 323 -11.76 17.83 -9.16
CA GLU B 323 -12.39 16.84 -10.04
C GLU B 323 -11.38 15.93 -10.74
N ASN B 324 -10.20 16.45 -11.10
CA ASN B 324 -9.29 15.72 -11.99
C ASN B 324 -8.03 15.20 -11.31
N GLY B 325 -7.84 15.49 -10.02
CA GLY B 325 -6.66 15.02 -9.31
C GLY B 325 -5.41 15.68 -9.87
N LYS B 326 -4.44 14.87 -10.31
CA LYS B 326 -3.22 15.39 -10.93
C LYS B 326 -3.39 15.63 -12.42
N GLY B 327 -4.46 15.13 -13.03
CA GLY B 327 -4.68 15.27 -14.45
C GLY B 327 -5.43 16.53 -14.83
N LEU B 328 -4.82 17.68 -14.54
CA LEU B 328 -5.44 18.97 -14.83
C LEU B 328 -5.73 19.12 -16.32
N THR B 329 -6.81 19.84 -16.61
CA THR B 329 -7.13 20.19 -17.99
C THR B 329 -6.39 21.46 -18.40
N ARG B 330 -6.44 21.75 -19.69
CA ARG B 330 -5.90 23.00 -20.21
C ARG B 330 -6.56 24.20 -19.55
N GLU B 331 -7.88 24.12 -19.36
CA GLU B 331 -8.62 25.21 -18.72
C GLU B 331 -8.12 25.44 -17.30
N GLU B 332 -7.79 24.36 -16.57
CA GLU B 332 -7.33 24.53 -15.19
C GLU B 332 -5.93 25.15 -15.14
N ARG B 333 -5.07 24.79 -16.10
CA ARG B 333 -3.76 25.42 -16.21
C ARG B 333 -3.89 26.90 -16.57
N ILE B 334 -4.76 27.23 -17.53
CA ILE B 334 -4.97 28.63 -17.86
C ILE B 334 -5.49 29.39 -16.65
N GLU B 335 -6.45 28.81 -15.90
CA GLU B 335 -6.96 29.45 -14.69
C GLU B 335 -5.84 29.76 -13.69
N ASN B 336 -4.93 28.80 -13.48
CA ASN B 336 -3.88 29.03 -12.48
C ASN B 336 -2.99 30.19 -12.87
N ILE B 337 -2.66 30.29 -14.16
CA ILE B 337 -1.82 31.39 -14.62
C ILE B 337 -2.56 32.71 -14.50
N ARG B 338 -3.83 32.73 -14.91
N ARG B 338 -3.83 32.74 -14.92
CA ARG B 338 -4.63 33.95 -14.84
CA ARG B 338 -4.60 33.97 -14.83
C ARG B 338 -4.78 34.44 -13.40
C ARG B 338 -4.73 34.44 -13.38
N ILE B 339 -5.04 33.53 -12.46
CA ILE B 339 -5.18 33.92 -11.06
C ILE B 339 -3.85 34.41 -10.51
N ALA B 340 -2.75 33.73 -10.86
CA ALA B 340 -1.44 34.20 -10.42
C ALA B 340 -1.14 35.60 -10.96
N LYS B 341 -1.51 35.89 -12.21
CA LYS B 341 -1.28 37.24 -12.72
C LYS B 341 -2.24 38.26 -12.10
N GLU B 342 -3.47 37.84 -11.80
CA GLU B 342 -4.38 38.72 -11.05
C GLU B 342 -3.80 39.05 -9.69
N LEU B 343 -3.15 38.08 -9.05
CA LEU B 343 -2.45 38.26 -7.78
C LEU B 343 -1.24 39.18 -7.91
N GLY B 344 -0.79 39.45 -9.13
CA GLY B 344 0.35 40.32 -9.36
C GLY B 344 1.66 39.60 -9.64
N CYS B 345 1.64 38.28 -9.82
CA CYS B 345 2.89 37.53 -9.99
C CYS B 345 3.48 37.74 -11.38
N ASN B 346 4.82 37.72 -11.43
CA ASN B 346 5.52 37.51 -12.69
C ASN B 346 6.24 36.15 -12.73
N PHE B 347 6.06 35.33 -11.70
CA PHE B 347 6.87 34.14 -11.44
C PHE B 347 6.00 33.10 -10.73
N MET B 348 6.23 31.82 -11.03
CA MET B 348 5.51 30.75 -10.34
C MET B 348 6.46 29.59 -10.07
N ARG B 349 6.45 29.09 -8.83
CA ARG B 349 7.21 27.89 -8.48
C ARG B 349 6.29 26.69 -8.66
N LEU B 350 6.61 25.83 -9.64
CA LEU B 350 5.81 24.64 -9.90
C LEU B 350 6.38 23.52 -9.05
N ALA B 351 5.67 23.18 -7.97
CA ALA B 351 6.16 22.21 -6.99
C ALA B 351 5.39 20.90 -7.12
N HIS B 352 5.98 19.78 -6.69
CA HIS B 352 7.41 19.56 -6.39
C HIS B 352 8.00 18.58 -7.43
N TYR B 353 7.36 18.51 -8.58
CA TYR B 353 7.60 17.51 -9.61
C TYR B 353 7.28 18.18 -10.93
N PRO B 354 7.64 17.55 -12.05
CA PRO B 354 7.28 18.15 -13.35
C PRO B 354 5.78 18.15 -13.57
N HIS B 355 5.24 19.34 -13.84
CA HIS B 355 3.85 19.45 -14.27
C HIS B 355 3.73 19.05 -15.73
N ASN B 356 2.49 18.93 -16.21
CA ASN B 356 2.19 18.80 -17.63
C ASN B 356 3.01 19.80 -18.44
N GLU B 357 3.60 19.35 -19.55
CA GLU B 357 4.41 20.25 -20.37
C GLU B 357 3.60 21.43 -20.93
N GLU B 358 2.28 21.31 -21.01
CA GLU B 358 1.47 22.44 -21.46
C GLU B 358 1.54 23.62 -20.50
N MET B 359 1.87 23.39 -19.23
CA MET B 359 1.99 24.50 -18.29
C MET B 359 3.04 25.51 -18.77
N ALA B 360 4.25 25.03 -19.09
CA ALA B 360 5.29 25.94 -19.56
C ALA B 360 4.98 26.49 -20.96
N LYS B 361 4.26 25.75 -21.79
CA LYS B 361 3.86 26.30 -23.08
C LYS B 361 2.87 27.43 -22.90
N LEU B 362 1.90 27.27 -21.98
CA LEU B 362 0.97 28.35 -21.67
C LEU B 362 1.70 29.52 -21.01
N ALA B 363 2.69 29.24 -20.16
CA ALA B 363 3.45 30.34 -19.56
C ALA B 363 4.26 31.08 -20.62
N ASP B 364 4.79 30.36 -21.62
CA ASP B 364 5.44 31.01 -22.76
C ASP B 364 4.51 32.02 -23.41
N GLU B 365 3.26 31.62 -23.60
CA GLU B 365 2.28 32.37 -24.39
C GLU B 365 1.66 33.52 -23.59
N LEU B 366 1.23 33.24 -22.36
CA LEU B 366 0.55 34.24 -21.54
C LEU B 366 1.50 35.13 -20.74
N GLY B 367 2.74 34.68 -20.52
CA GLY B 367 3.75 35.53 -19.89
C GLY B 367 3.91 35.30 -18.39
N LEU B 368 4.73 34.33 -18.01
CA LEU B 368 4.95 33.99 -16.60
C LEU B 368 6.26 33.23 -16.51
N LEU B 369 7.18 33.69 -15.66
CA LEU B 369 8.43 32.99 -15.44
C LEU B 369 8.20 31.79 -14.52
N LEU B 370 8.99 30.73 -14.72
CA LEU B 370 8.73 29.46 -14.05
C LEU B 370 9.99 28.87 -13.44
N TRP B 371 9.77 28.19 -12.32
CA TRP B 371 10.72 27.31 -11.66
C TRP B 371 10.14 25.91 -11.75
N GLU B 372 10.92 24.97 -12.30
CA GLU B 372 10.49 23.56 -12.40
C GLU B 372 11.44 22.68 -11.58
N GLU B 373 10.89 21.60 -11.02
CA GLU B 373 11.52 20.87 -9.93
C GLU B 373 11.30 19.37 -10.08
N ILE B 374 12.22 18.57 -9.54
CA ILE B 374 12.06 17.12 -9.43
C ILE B 374 11.84 16.75 -7.97
N PRO B 375 11.10 15.64 -7.68
CA PRO B 375 10.69 15.34 -6.30
C PRO B 375 11.76 14.68 -5.44
N VAL B 376 12.96 15.23 -5.46
CA VAL B 376 14.01 14.83 -4.51
C VAL B 376 13.69 15.51 -3.18
N TYR B 377 12.83 14.88 -2.39
CA TYR B 377 12.05 15.54 -1.35
C TYR B 377 12.22 14.81 -0.03
N TRP B 378 12.63 15.53 1.02
CA TRP B 378 12.80 14.99 2.38
C TRP B 378 13.80 13.83 2.35
N ALA B 379 13.47 12.67 2.90
CA ALA B 379 14.42 11.63 3.27
C ALA B 379 14.74 10.66 2.12
N ILE B 380 15.13 11.22 0.98
CA ILE B 380 15.58 10.40 -0.16
C ILE B 380 16.75 9.51 0.26
N ARG B 381 16.79 8.29 -0.28
CA ARG B 381 17.86 7.34 0.02
C ARG B 381 19.12 7.73 -0.75
N PHE B 382 19.79 8.78 -0.25
CA PHE B 382 20.90 9.37 -0.97
C PHE B 382 22.08 8.42 -1.15
N GLU B 383 22.18 7.36 -0.34
CA GLU B 383 23.32 6.45 -0.46
C GLU B 383 23.12 5.40 -1.54
N ARG B 384 21.92 5.24 -2.08
CA ARG B 384 21.60 4.13 -2.96
C ARG B 384 21.81 4.54 -4.41
N GLU B 385 22.69 3.81 -5.10
CA GLU B 385 23.06 4.21 -6.46
C GLU B 385 21.87 4.15 -7.41
N LYS B 386 21.00 3.15 -7.26
CA LYS B 386 19.84 3.04 -8.14
C LYS B 386 18.83 4.16 -7.90
N THR B 387 18.79 4.69 -6.68
CA THR B 387 17.96 5.85 -6.40
C THR B 387 18.54 7.09 -7.05
N TYR B 388 19.88 7.21 -7.07
CA TYR B 388 20.49 8.30 -7.84
C TYR B 388 20.15 8.17 -9.31
N GLU B 389 20.22 6.96 -9.86
CA GLU B 389 19.90 6.77 -11.27
C GLU B 389 18.47 7.21 -11.59
N ASP B 390 17.53 6.86 -10.72
CA ASP B 390 16.13 7.29 -10.86
C ASP B 390 16.05 8.81 -10.89
N ALA B 391 16.60 9.47 -9.88
CA ALA B 391 16.53 10.93 -9.80
C ALA B 391 17.19 11.60 -11.01
N GLN B 392 18.40 11.15 -11.37
CA GLN B 392 19.07 11.81 -12.49
CA GLN B 392 19.12 11.71 -12.52
C GLN B 392 18.30 11.62 -13.78
N ASN B 393 17.71 10.44 -14.01
CA ASN B 393 16.88 10.26 -15.20
C ASN B 393 15.70 11.21 -15.21
N GLN B 394 15.00 11.34 -14.08
CA GLN B 394 13.86 12.26 -14.03
C GLN B 394 14.30 13.69 -14.31
N LEU B 395 15.41 14.13 -13.72
CA LEU B 395 15.95 15.46 -13.99
C LEU B 395 16.21 15.64 -15.48
N ARG B 396 16.87 14.67 -16.11
CA ARG B 396 17.23 14.82 -17.53
C ARG B 396 16.01 14.72 -18.44
N GLU B 397 15.03 13.88 -18.08
CA GLU B 397 13.77 13.89 -18.82
C GLU B 397 13.12 15.27 -18.80
N LEU B 398 13.06 15.90 -17.62
CA LEU B 398 12.43 17.21 -17.50
C LEU B 398 13.15 18.24 -18.35
N ILE B 399 14.49 18.27 -18.23
CA ILE B 399 15.29 19.27 -18.95
C ILE B 399 15.13 19.07 -20.45
N ASN B 400 15.17 17.82 -20.91
CA ASN B 400 15.02 17.55 -22.34
C ASN B 400 13.62 17.90 -22.83
N ARG B 401 12.60 17.63 -22.01
CA ARG B 401 11.22 17.94 -22.41
C ARG B 401 11.03 19.44 -22.56
N ASP B 402 11.58 20.24 -21.65
CA ASP B 402 11.24 21.66 -21.55
C ASP B 402 12.38 22.58 -21.97
N TRP B 403 13.40 22.06 -22.66
CA TRP B 403 14.59 22.85 -23.01
C TRP B 403 14.25 24.12 -23.78
N ASN B 404 13.21 24.11 -24.62
CA ASN B 404 12.93 25.24 -25.51
C ASN B 404 11.90 26.22 -24.93
N ARG B 405 11.60 26.13 -23.63
CA ARG B 405 10.57 26.97 -22.99
C ARG B 405 11.23 28.21 -22.39
N ALA B 406 11.07 29.36 -23.05
CA ALA B 406 11.62 30.61 -22.52
C ALA B 406 11.09 30.94 -21.12
N SER B 407 9.82 30.59 -20.84
CA SER B 407 9.25 30.89 -19.53
C SER B 407 10.02 30.24 -18.39
N VAL B 408 10.60 29.08 -18.62
CA VAL B 408 11.32 28.37 -17.56
C VAL B 408 12.70 28.99 -17.40
N ILE B 409 13.02 29.46 -16.19
CA ILE B 409 14.33 30.05 -15.95
C ILE B 409 15.14 29.31 -14.90
N ILE B 410 14.53 28.44 -14.08
CA ILE B 410 15.25 27.78 -12.99
C ILE B 410 14.87 26.30 -12.95
N TRP B 411 15.88 25.42 -12.90
CA TRP B 411 15.72 24.01 -12.56
C TRP B 411 16.03 23.83 -11.08
N SER B 412 15.13 23.16 -10.34
CA SER B 412 15.38 22.88 -8.93
C SER B 412 15.63 21.38 -8.75
N VAL B 413 16.72 21.05 -8.05
CA VAL B 413 17.10 19.65 -7.87
C VAL B 413 16.54 19.04 -6.58
N GLY B 414 15.78 19.78 -5.78
CA GLY B 414 15.12 19.14 -4.66
C GLY B 414 14.62 20.14 -3.64
N ASN B 415 14.20 19.60 -2.48
CA ASN B 415 13.43 20.38 -1.52
C ASN B 415 13.56 19.79 -0.12
N GLU B 416 14.06 20.60 0.82
CA GLU B 416 14.04 20.31 2.27
C GLU B 416 14.72 19.00 2.63
N ASN B 417 15.97 18.86 2.19
CA ASN B 417 16.76 17.67 2.49
C ASN B 417 17.76 17.98 3.60
N ALA B 418 18.12 16.95 4.36
CA ALA B 418 19.07 17.15 5.45
C ALA B 418 20.47 17.43 4.93
N ASP B 419 21.22 18.26 5.65
CA ASP B 419 22.55 18.69 5.22
C ASP B 419 23.61 17.69 5.69
N THR B 420 23.61 16.51 5.06
CA THR B 420 24.54 15.45 5.36
C THR B 420 25.52 15.25 4.20
N ASP B 421 26.57 14.47 4.46
CA ASP B 421 27.58 14.22 3.44
C ASP B 421 26.98 13.53 2.23
N GLU B 422 26.19 12.49 2.46
CA GLU B 422 25.60 11.74 1.35
C GLU B 422 24.61 12.60 0.57
N ARG B 423 23.84 13.44 1.25
CA ARG B 423 22.96 14.33 0.52
C ARG B 423 23.75 15.30 -0.34
N LEU B 424 24.86 15.83 0.19
CA LEU B 424 25.66 16.77 -0.59
C LEU B 424 26.22 16.12 -1.85
N LYS B 425 26.74 14.90 -1.73
CA LYS B 425 27.24 14.23 -2.93
C LYS B 425 26.12 14.03 -3.95
N PHE B 426 25.00 13.46 -3.52
CA PHE B 426 23.85 13.20 -4.40
C PHE B 426 23.38 14.47 -5.10
N MET B 427 23.09 15.52 -4.32
CA MET B 427 22.42 16.69 -4.90
C MET B 427 23.38 17.65 -5.59
N SER B 428 24.66 17.69 -5.18
CA SER B 428 25.61 18.51 -5.93
C SER B 428 25.88 17.91 -7.30
N VAL B 429 25.87 16.57 -7.41
CA VAL B 429 26.04 15.95 -8.72
C VAL B 429 24.81 16.17 -9.60
N LEU B 430 23.60 16.16 -9.01
CA LEU B 430 22.42 16.55 -9.78
C LEU B 430 22.55 17.98 -10.29
N ALA B 431 23.02 18.90 -9.43
CA ALA B 431 23.18 20.28 -9.87
C ALA B 431 24.19 20.38 -11.02
N GLU B 432 25.30 19.64 -10.92
CA GLU B 432 26.26 19.59 -12.01
C GLU B 432 25.65 19.00 -13.27
N CYS B 433 24.80 17.97 -13.11
CA CYS B 433 24.11 17.39 -14.25
C CYS B 433 23.23 18.43 -14.94
N ALA B 434 22.43 19.17 -14.16
CA ALA B 434 21.59 20.23 -14.75
C ALA B 434 22.42 21.24 -15.52
N HIS B 435 23.52 21.70 -14.93
CA HIS B 435 24.36 22.70 -15.62
C HIS B 435 24.93 22.13 -16.91
N ARG B 436 25.36 20.87 -16.88
CA ARG B 436 25.94 20.23 -18.07
C ARG B 436 24.88 20.03 -19.15
N GLU B 437 23.66 19.66 -18.78
CA GLU B 437 22.58 19.45 -19.74
C GLU B 437 22.00 20.75 -20.30
N ASP B 438 22.20 21.88 -19.63
CA ASP B 438 21.52 23.11 -20.02
C ASP B 438 22.40 24.26 -19.56
N GLU B 439 23.14 24.84 -20.50
CA GLU B 439 24.00 25.97 -20.18
C GLU B 439 23.24 27.28 -20.06
N THR B 440 21.93 27.29 -20.34
CA THR B 440 21.21 28.55 -20.39
C THR B 440 20.47 28.93 -19.10
N ARG B 441 20.17 27.98 -18.20
CA ARG B 441 19.28 28.26 -17.09
C ARG B 441 20.00 28.21 -15.75
N MET B 442 19.39 28.86 -14.76
CA MET B 442 19.91 28.82 -13.39
C MET B 442 19.42 27.57 -12.67
N VAL B 443 20.23 27.11 -11.72
CA VAL B 443 19.97 25.92 -10.94
C VAL B 443 19.78 26.32 -9.48
N SER B 444 18.78 25.76 -8.84
CA SER B 444 18.50 26.07 -7.44
C SER B 444 18.01 24.81 -6.73
N ALA B 445 17.55 25.00 -5.50
CA ALA B 445 16.91 23.99 -4.68
C ALA B 445 16.35 24.75 -3.49
N ALA B 446 15.35 24.16 -2.84
CA ALA B 446 14.76 24.77 -1.66
C ALA B 446 15.39 24.13 -0.42
N CYS B 447 16.03 24.94 0.42
CA CYS B 447 16.71 24.44 1.61
C CYS B 447 15.97 24.88 2.87
N LEU B 448 16.12 24.07 3.92
CA LEU B 448 15.69 24.43 5.25
C LEU B 448 16.62 25.45 5.88
N VAL B 449 16.09 26.20 6.84
CA VAL B 449 16.91 27.10 7.64
C VAL B 449 17.87 26.27 8.49
N ASN B 450 19.11 26.74 8.61
CA ASN B 450 20.05 26.16 9.57
C ASN B 450 19.54 26.45 10.98
N ALA B 451 18.94 25.45 11.62
CA ALA B 451 18.26 25.68 12.89
C ALA B 451 19.24 26.02 14.02
N ALA B 452 20.42 25.40 14.01
CA ALA B 452 21.38 25.65 15.10
C ALA B 452 21.78 27.12 15.15
N LYS B 453 21.96 27.76 13.99
CA LYS B 453 22.39 29.15 13.91
C LYS B 453 21.29 30.12 13.52
N ASN B 454 20.08 29.64 13.23
CA ASN B 454 19.01 30.47 12.65
C ASN B 454 19.57 31.33 11.53
N LYS B 455 20.07 30.65 10.50
CA LYS B 455 20.88 31.26 9.47
C LYS B 455 20.60 30.58 8.14
N ILE B 456 20.67 31.37 7.06
CA ILE B 456 20.68 30.80 5.70
C ILE B 456 22.09 30.25 5.47
N GLU B 457 22.26 28.94 5.63
CA GLU B 457 23.57 28.32 5.49
C GLU B 457 23.40 26.84 5.27
N ASP B 458 23.81 26.35 4.10
CA ASP B 458 23.63 24.97 3.73
C ASP B 458 24.71 24.63 2.72
N ARG B 459 25.41 23.52 2.93
CA ARG B 459 26.54 23.18 2.06
C ARG B 459 26.12 23.01 0.60
N LEU B 460 24.86 22.68 0.34
CA LEU B 460 24.45 22.57 -1.06
C LEU B 460 24.48 23.93 -1.77
N MET B 461 24.36 25.03 -1.02
CA MET B 461 24.16 26.32 -1.66
C MET B 461 25.34 26.73 -2.53
N GLU B 462 26.55 26.21 -2.24
CA GLU B 462 27.72 26.53 -3.05
C GLU B 462 27.54 26.10 -4.51
N TYR B 463 26.75 25.06 -4.76
CA TYR B 463 26.59 24.51 -6.10
C TYR B 463 25.41 25.11 -6.87
N LEU B 464 24.69 26.05 -6.28
CA LEU B 464 23.48 26.63 -6.86
C LEU B 464 23.77 28.02 -7.41
N ASP B 465 23.05 28.40 -8.46
CA ASP B 465 23.11 29.79 -8.91
C ASP B 465 22.29 30.70 -8.01
N ILE B 466 21.17 30.19 -7.52
CA ILE B 466 20.22 30.95 -6.71
C ILE B 466 19.89 30.11 -5.49
N ILE B 467 19.88 30.74 -4.32
CA ILE B 467 19.51 30.07 -3.09
C ILE B 467 18.00 30.14 -2.91
N GLY B 468 17.37 28.99 -2.70
CA GLY B 468 15.99 28.95 -2.22
C GLY B 468 15.99 28.63 -0.73
N ILE B 469 15.25 29.42 0.03
CA ILE B 469 15.13 29.17 1.46
C ILE B 469 13.65 29.04 1.81
N ASN B 470 13.30 27.97 2.52
CA ASN B 470 11.97 27.80 3.08
C ASN B 470 11.97 28.26 4.53
N GLU B 471 11.02 29.12 4.91
CA GLU B 471 10.91 29.49 6.32
C GLU B 471 9.45 29.77 6.68
N TYR B 472 9.05 29.34 7.88
CA TYR B 472 7.66 29.44 8.29
C TYR B 472 7.54 30.19 9.61
N CYS B 473 8.21 31.33 9.70
CA CYS B 473 8.12 32.14 10.92
C CYS B 473 6.70 32.68 11.07
N GLY B 474 6.23 32.67 12.30
CA GLY B 474 4.83 32.93 12.56
C GLY B 474 3.95 31.72 12.41
N TRP B 475 4.49 30.57 12.00
CA TRP B 475 3.68 29.36 11.88
C TRP B 475 4.40 28.20 12.57
N TYR B 476 5.15 27.38 11.82
CA TYR B 476 5.92 26.29 12.43
C TYR B 476 7.00 26.83 13.38
N THR B 477 7.57 28.00 13.08
CA THR B 477 8.42 28.76 14.00
C THR B 477 7.56 29.88 14.54
N PRO B 478 6.83 29.66 15.64
CA PRO B 478 5.71 30.57 15.98
C PRO B 478 6.14 31.97 16.36
N ASP B 479 7.36 32.16 16.83
CA ASP B 479 7.81 33.48 17.27
C ASP B 479 8.26 34.28 16.04
N PHE B 480 7.46 35.28 15.67
CA PHE B 480 7.78 36.12 14.53
C PHE B 480 9.15 36.76 14.62
N ALA B 481 9.64 37.04 15.84
CA ALA B 481 10.93 37.69 15.99
C ALA B 481 12.06 36.85 15.40
N MET B 482 11.84 35.56 15.18
CA MET B 482 12.85 34.71 14.57
C MET B 482 13.15 35.11 13.13
N LEU B 483 12.23 35.79 12.44
CA LEU B 483 12.45 36.11 11.03
C LEU B 483 13.44 37.27 10.86
N PRO B 484 13.23 38.44 11.48
CA PRO B 484 14.26 39.50 11.37
C PRO B 484 15.63 39.01 11.82
N ALA B 485 15.66 38.16 12.86
CA ALA B 485 16.92 37.56 13.31
C ALA B 485 17.54 36.68 12.22
N LEU B 486 16.73 35.87 11.55
CA LEU B 486 17.25 35.01 10.48
C LEU B 486 17.94 35.85 9.41
N MET B 487 17.30 36.94 8.99
CA MET B 487 17.85 37.76 7.92
C MET B 487 19.06 38.57 8.39
N GLU B 488 19.06 39.01 9.65
CA GLU B 488 20.23 39.70 10.19
C GLU B 488 21.42 38.75 10.29
N ASN B 489 21.17 37.50 10.68
CA ASN B 489 22.24 36.51 10.84
C ASN B 489 22.90 36.10 9.52
N SER B 490 22.28 36.40 8.38
CA SER B 490 22.69 35.84 7.11
C SER B 490 23.17 36.96 6.17
N GLN B 491 24.23 36.69 5.40
CA GLN B 491 24.66 37.62 4.37
C GLN B 491 25.21 36.82 3.20
N PRO B 492 24.33 36.28 2.38
CA PRO B 492 24.80 35.46 1.24
C PRO B 492 25.36 36.33 0.13
N ASP B 493 26.22 35.72 -0.69
CA ASP B 493 26.77 36.40 -1.86
C ASP B 493 26.02 36.04 -3.14
N LYS B 494 24.90 35.33 -3.03
CA LYS B 494 24.05 34.92 -4.13
C LYS B 494 22.65 35.47 -3.91
N PRO B 495 21.83 35.61 -4.95
CA PRO B 495 20.44 36.01 -4.73
C PRO B 495 19.70 34.92 -3.98
N VAL B 496 18.69 35.34 -3.21
CA VAL B 496 17.89 34.43 -2.41
C VAL B 496 16.45 34.57 -2.86
N ILE B 497 15.79 33.43 -3.11
CA ILE B 497 14.34 33.39 -3.26
C ILE B 497 13.80 32.72 -2.01
N VAL B 498 12.83 33.36 -1.36
CA VAL B 498 12.14 32.70 -0.26
C VAL B 498 11.12 31.80 -0.93
N THR B 499 11.44 30.51 -1.01
CA THR B 499 10.70 29.58 -1.84
C THR B 499 9.45 29.04 -1.17
N GLU B 500 9.31 29.23 0.14
CA GLU B 500 8.09 28.94 0.89
C GLU B 500 8.00 29.80 2.13
N PHE B 501 6.80 30.32 2.39
CA PHE B 501 6.34 30.72 3.72
C PHE B 501 4.82 30.69 3.67
N GLY B 502 4.16 30.67 4.82
CA GLY B 502 2.71 30.66 4.82
C GLY B 502 2.10 30.21 6.13
N ALA B 503 0.79 29.95 6.06
CA ALA B 503 -0.02 29.55 7.22
C ALA B 503 -1.31 28.92 6.71
N ASP B 504 -1.84 27.95 7.46
CA ASP B 504 -3.14 27.33 7.15
C ASP B 504 -4.27 28.33 7.35
N ALA B 505 -5.28 28.29 6.48
CA ALA B 505 -6.58 28.86 6.80
C ALA B 505 -7.66 28.04 6.11
N LEU B 506 -8.51 27.40 6.90
CA LEU B 506 -9.69 26.74 6.31
C LEU B 506 -10.61 27.81 5.73
N PRO B 507 -11.08 27.66 4.50
CA PRO B 507 -11.96 28.68 3.91
C PRO B 507 -13.14 28.96 4.82
N HIS B 508 -13.41 30.24 5.06
CA HIS B 508 -14.52 30.72 5.87
C HIS B 508 -14.39 30.39 7.35
N HIS B 509 -13.21 29.95 7.80
CA HIS B 509 -12.95 29.72 9.21
C HIS B 509 -12.26 30.96 9.76
N HIS B 510 -12.97 31.71 10.60
CA HIS B 510 -12.48 32.97 11.15
C HIS B 510 -12.18 32.85 12.65
N GLY B 511 -11.37 33.78 13.14
CA GLY B 511 -11.11 33.91 14.55
C GLY B 511 -10.21 35.11 14.80
N THR B 512 -9.52 35.13 15.94
CA THR B 512 -8.57 36.21 16.20
C THR B 512 -7.26 35.93 15.47
N ILE B 513 -6.41 36.96 15.38
CA ILE B 513 -5.13 36.77 14.72
C ILE B 513 -4.26 35.76 15.45
N SER B 514 -4.56 35.47 16.72
CA SER B 514 -3.80 34.46 17.46
C SER B 514 -4.37 33.04 17.31
N ASP B 515 -5.48 32.87 16.59
CA ASP B 515 -6.11 31.57 16.34
C ASP B 515 -5.47 30.96 15.09
N LYS B 516 -4.44 30.13 15.29
CA LYS B 516 -3.77 29.50 14.16
C LYS B 516 -4.75 28.60 13.42
N GLY B 517 -4.79 28.74 12.09
CA GLY B 517 -5.72 27.98 11.28
C GLY B 517 -6.88 28.80 10.75
N THR B 518 -7.04 30.04 11.19
CA THR B 518 -8.09 30.95 10.75
C THR B 518 -7.59 31.89 9.66
N GLU B 519 -8.56 32.47 8.93
CA GLU B 519 -8.25 33.44 7.89
C GLU B 519 -7.52 34.65 8.44
N GLU B 520 -7.96 35.14 9.62
CA GLU B 520 -7.34 36.32 10.20
C GLU B 520 -5.89 36.07 10.56
N CYS B 521 -5.60 34.89 11.13
CA CYS B 521 -4.21 34.60 11.48
C CYS B 521 -3.35 34.48 10.23
N GLN B 522 -3.89 33.86 9.17
CA GLN B 522 -3.10 33.70 7.95
C GLN B 522 -2.76 35.06 7.35
N ALA B 523 -3.73 36.00 7.31
CA ALA B 523 -3.44 37.34 6.78
C ALA B 523 -2.41 38.06 7.65
N ASP B 524 -2.48 37.86 8.96
CA ASP B 524 -1.51 38.48 9.87
C ASP B 524 -0.10 37.94 9.62
N VAL B 525 0.02 36.63 9.38
CA VAL B 525 1.32 36.06 9.04
C VAL B 525 1.86 36.68 7.76
N TYR B 526 1.00 36.87 6.75
CA TYR B 526 1.45 37.48 5.50
C TYR B 526 1.89 38.92 5.71
N GLU B 527 1.14 39.69 6.52
CA GLU B 527 1.53 41.07 6.80
C GLU B 527 2.93 41.14 7.40
N LYS B 528 3.19 40.31 8.41
CA LYS B 528 4.47 40.34 9.10
C LYS B 528 5.59 39.79 8.22
N GLN B 529 5.32 38.75 7.44
CA GLN B 529 6.33 38.23 6.53
C GLN B 529 6.77 39.32 5.55
N ILE B 530 5.80 39.96 4.91
CA ILE B 530 6.09 40.95 3.89
C ILE B 530 6.82 42.16 4.49
N ALA B 531 6.39 42.62 5.67
CA ALA B 531 7.01 43.79 6.28
C ALA B 531 8.50 43.58 6.51
N THR B 532 8.92 42.35 6.86
CA THR B 532 10.35 42.08 7.01
C THR B 532 11.02 41.81 5.67
N LEU B 533 10.47 40.91 4.86
CA LEU B 533 11.17 40.44 3.68
C LEU B 533 11.36 41.55 2.64
N ARG B 534 10.44 42.51 2.59
CA ARG B 534 10.49 43.52 1.52
C ARG B 534 11.73 44.41 1.62
N ASN B 535 12.41 44.44 2.77
CA ASN B 535 13.56 45.33 2.96
C ASN B 535 14.87 44.58 3.16
N ILE B 536 14.91 43.29 2.81
CA ILE B 536 16.17 42.54 2.83
C ILE B 536 16.79 42.61 1.44
N ASP B 537 18.00 43.17 1.35
CA ASP B 537 18.59 43.51 0.05
C ASP B 537 18.82 42.26 -0.79
N TYR B 538 19.26 41.16 -0.18
CA TYR B 538 19.63 39.99 -0.96
C TYR B 538 18.43 39.10 -1.32
N ILE B 539 17.23 39.41 -0.83
CA ILE B 539 16.04 38.64 -1.20
C ILE B 539 15.52 39.22 -2.52
N LYS B 540 15.63 38.43 -3.59
CA LYS B 540 15.26 38.86 -4.93
C LYS B 540 13.99 38.19 -5.43
N GLY B 541 13.28 37.46 -4.57
CA GLY B 541 12.00 36.93 -4.98
C GLY B 541 11.38 36.17 -3.83
N MET B 542 10.11 35.81 -4.03
CA MET B 542 9.38 34.98 -3.09
C MET B 542 8.29 34.23 -3.83
N THR B 543 8.05 32.99 -3.41
CA THR B 543 6.95 32.16 -3.92
C THR B 543 6.21 31.57 -2.72
N PRO B 544 5.36 32.37 -2.06
CA PRO B 544 4.68 31.87 -0.86
C PRO B 544 3.91 30.58 -1.15
N TRP B 545 3.82 29.76 -0.12
CA TRP B 545 3.09 28.49 -0.16
C TRP B 545 1.70 28.75 0.38
N ILE B 546 0.68 28.75 -0.48
CA ILE B 546 0.68 28.25 -1.86
C ILE B 546 -0.52 28.89 -2.56
N LEU B 547 -0.66 28.75 -3.89
CA LEU B 547 -1.74 29.45 -4.58
C LEU B 547 -3.11 28.97 -4.12
N TYR B 548 -3.33 27.65 -4.04
CA TYR B 548 -4.64 27.18 -3.60
C TYR B 548 -4.52 25.84 -2.87
N ASP B 549 -5.50 25.59 -2.00
CA ASP B 549 -5.51 24.37 -1.17
C ASP B 549 -5.43 23.12 -2.05
N PHE B 550 -4.71 22.10 -1.58
CA PHE B 550 -4.52 20.88 -2.35
C PHE B 550 -4.61 19.67 -1.43
N ARG B 551 -4.99 18.52 -2.00
CA ARG B 551 -5.15 17.31 -1.21
CA ARG B 551 -5.15 17.31 -1.19
C ARG B 551 -3.83 16.94 -0.52
N CYS B 552 -3.92 16.53 0.75
CA CYS B 552 -2.71 16.29 1.53
C CYS B 552 -2.96 15.29 2.65
N PRO B 553 -2.40 14.07 2.53
CA PRO B 553 -2.70 13.00 3.48
C PRO B 553 -2.18 13.21 4.89
N ARG B 554 -1.32 14.20 5.12
CA ARG B 554 -0.73 14.47 6.42
C ARG B 554 -1.59 15.36 7.31
N ARG B 555 -2.62 16.01 6.77
CA ARG B 555 -3.37 17.07 7.47
C ARG B 555 -4.76 16.57 7.83
N THR B 556 -4.94 16.07 9.06
CA THR B 556 -6.16 15.36 9.41
C THR B 556 -7.07 16.10 10.39
N SER B 557 -6.75 17.34 10.76
CA SER B 557 -7.58 17.97 11.77
C SER B 557 -8.90 18.45 11.16
N LEU B 558 -9.84 18.78 12.05
CA LEU B 558 -11.14 19.30 11.64
C LEU B 558 -11.03 20.60 10.83
N ILE B 559 -9.97 21.38 10.99
CA ILE B 559 -9.81 22.59 10.19
C ILE B 559 -8.81 22.39 9.05
N GLN B 560 -8.56 21.14 8.68
CA GLN B 560 -7.78 20.80 7.49
C GLN B 560 -8.55 19.89 6.55
N LYS B 561 -9.09 18.79 7.09
CA LYS B 561 -9.94 17.86 6.32
C LYS B 561 -9.18 17.26 5.15
N TYR B 562 -7.94 16.84 5.39
CA TYR B 562 -7.12 16.12 4.41
C TYR B 562 -6.78 16.98 3.21
N TYR B 563 -6.75 18.29 3.44
CA TYR B 563 -6.22 19.27 2.51
C TYR B 563 -5.15 20.10 3.21
N ASN B 564 -4.09 20.44 2.49
CA ASN B 564 -3.18 21.47 2.96
C ASN B 564 -3.87 22.81 2.75
N ARG B 565 -4.03 23.58 3.83
CA ARG B 565 -4.88 24.76 3.81
C ARG B 565 -4.07 26.04 3.70
N LYS B 566 -2.83 25.96 3.25
CA LYS B 566 -2.04 27.17 3.08
C LYS B 566 -2.38 27.93 1.81
N GLY B 567 -3.34 27.45 1.01
CA GLY B 567 -3.69 28.16 -0.21
C GLY B 567 -4.17 29.57 0.08
N LEU B 568 -3.93 30.48 -0.86
CA LEU B 568 -4.58 31.79 -0.81
C LEU B 568 -6.01 31.73 -1.35
N LEU B 569 -6.33 30.67 -2.10
CA LEU B 569 -7.68 30.36 -2.53
C LEU B 569 -8.06 28.98 -2.01
N SER B 570 -9.36 28.75 -1.92
CA SER B 570 -9.91 27.44 -1.62
C SER B 570 -9.54 26.47 -2.73
N GLU B 571 -9.82 25.18 -2.49
CA GLU B 571 -9.32 24.14 -3.38
C GLU B 571 -9.99 24.15 -4.75
N ASP B 572 -11.21 24.71 -4.87
CA ASP B 572 -11.82 24.85 -6.19
C ASP B 572 -11.52 26.20 -6.82
N LYS B 573 -10.68 27.02 -6.18
CA LYS B 573 -10.26 28.33 -6.69
C LYS B 573 -11.44 29.28 -6.88
N LYS B 574 -12.57 29.00 -6.27
CA LYS B 574 -13.69 29.92 -6.37
C LYS B 574 -13.66 31.02 -5.32
N TYR B 575 -12.84 30.90 -4.28
CA TYR B 575 -12.91 31.81 -3.14
C TYR B 575 -11.51 32.26 -2.76
N ARG B 576 -11.33 33.58 -2.64
CA ARG B 576 -10.06 34.17 -2.24
C ARG B 576 -10.09 34.50 -0.75
N LYS B 577 -9.12 33.99 0.00
CA LYS B 577 -9.01 34.28 1.42
C LYS B 577 -8.40 35.67 1.61
N PRO B 578 -8.57 36.25 2.80
CA PRO B 578 -8.01 37.60 3.03
C PRO B 578 -6.53 37.73 2.72
N ALA B 579 -5.72 36.69 3.00
CA ALA B 579 -4.29 36.77 2.71
C ALA B 579 -4.01 36.97 1.22
N PHE B 580 -4.90 36.50 0.34
CA PHE B 580 -4.73 36.76 -1.09
C PHE B 580 -4.59 38.26 -1.36
N TYR B 581 -5.42 39.07 -0.71
CA TYR B 581 -5.40 40.50 -0.97
C TYR B 581 -4.22 41.18 -0.30
N VAL B 582 -3.70 40.62 0.79
CA VAL B 582 -2.48 41.14 1.39
C VAL B 582 -1.30 40.99 0.43
N LEU B 583 -1.10 39.78 -0.11
CA LEU B 583 0.00 39.59 -1.06
C LEU B 583 -0.21 40.43 -2.32
N GLN B 584 -1.44 40.45 -2.82
CA GLN B 584 -1.74 41.21 -4.04
C GLN B 584 -1.38 42.70 -3.89
N LYS B 585 -1.72 43.29 -2.74
CA LYS B 585 -1.45 44.71 -2.54
C LYS B 585 0.04 44.98 -2.61
N PHE B 586 0.86 44.10 -2.01
CA PHE B 586 2.31 44.21 -2.10
C PHE B 586 2.78 44.09 -3.55
N TYR B 587 2.34 43.06 -4.26
CA TYR B 587 2.81 42.86 -5.62
C TYR B 587 2.40 44.02 -6.53
N GLU B 588 1.20 44.57 -6.32
CA GLU B 588 0.77 45.71 -7.13
C GLU B 588 1.56 46.98 -6.79
N GLU B 589 2.00 47.12 -5.53
CA GLU B 589 2.91 48.22 -5.19
C GLU B 589 4.21 48.12 -5.97
N LEU B 590 4.82 46.93 -5.98
CA LEU B 590 6.06 46.73 -6.72
C LEU B 590 5.86 47.01 -8.21
N LYS B 591 4.73 46.54 -8.76
CA LYS B 591 4.43 46.82 -10.16
C LYS B 591 4.34 48.33 -10.42
N ARG B 592 3.66 49.06 -9.53
CA ARG B 592 3.53 50.50 -9.71
C ARG B 592 4.90 51.18 -9.73
N LYS B 593 5.79 50.77 -8.84
CA LYS B 593 7.16 51.30 -8.82
C LYS B 593 7.98 50.87 -10.03
N GLU B 594 7.44 50.01 -10.90
CA GLU B 594 8.12 49.25 -11.96
C GLU B 594 8.77 47.97 -11.39
NI NI C . -31.40 -20.33 -11.68
C1 GOL D . -5.29 -22.62 -1.78
O1 GOL D . -4.75 -22.82 -0.51
C2 GOL D . -6.03 -21.25 -1.79
O2 GOL D . -6.43 -20.74 -0.54
C3 GOL D . -7.11 -21.32 -2.91
O3 GOL D . -8.12 -20.34 -2.63
C1 GOL E . 2.24 3.62 4.40
O1 GOL E . 3.28 4.58 4.73
C2 GOL E . 1.90 2.70 5.61
O2 GOL E . 3.06 2.08 6.20
C3 GOL E . 1.13 3.59 6.64
O3 GOL E . -0.13 3.96 6.09
C1 GOL F . -15.63 -43.86 4.50
O1 GOL F . -16.19 -44.87 5.28
C2 GOL F . -15.98 -44.21 3.02
O2 GOL F . -15.27 -45.31 2.56
C3 GOL F . -15.67 -42.91 2.20
O3 GOL F . -16.25 -43.13 0.95
C1 GOL G . 2.75 -28.28 27.43
O1 GOL G . 2.18 -27.50 28.45
C2 GOL G . 2.16 -29.70 27.60
O2 GOL G . 2.87 -30.47 28.54
C3 GOL G . 2.19 -30.34 26.19
O3 GOL G . 1.17 -31.30 26.20
NI NI H . -17.43 34.47 5.59
P PO4 I . 23.35 23.22 -49.89
O1 PO4 I . 23.03 22.52 -51.18
O2 PO4 I . 24.80 23.58 -49.77
O3 PO4 I . 22.48 24.45 -49.81
O4 PO4 I . 23.01 22.29 -48.75
C1 GOL J . 7.45 21.75 2.18
O1 GOL J . 8.16 21.84 1.00
C2 GOL J . 6.06 21.16 1.85
O2 GOL J . 5.80 20.82 0.47
C3 GOL J . 5.05 22.07 2.54
O3 GOL J . 3.75 21.54 2.28
C1 GOL K . 25.83 10.27 -5.95
O1 GOL K . 25.49 9.58 -4.79
C2 GOL K . 26.22 9.18 -6.94
O2 GOL K . 26.90 8.14 -6.31
C3 GOL K . 27.09 9.88 -7.99
O3 GOL K . 26.81 9.21 -9.18
C1 GOL L . 26.21 30.85 2.49
O1 GOL L . 25.26 31.63 1.83
C2 GOL L . 26.28 29.49 1.72
O2 GOL L . 26.38 28.40 2.61
C3 GOL L . 27.51 29.61 0.73
O3 GOL L . 27.04 29.45 -0.60
#